data_7VYU
#
_entry.id   7VYU
#
_cell.length_a   102.830
_cell.length_b   102.830
_cell.length_c   66.710
_cell.angle_alpha   90.000
_cell.angle_beta   90.000
_cell.angle_gamma   120.000
#
_symmetry.space_group_name_H-M   'P 32'
#
loop_
_entity.id
_entity.type
_entity.pdbx_description
1 polymer '3-oxoacyl-ACP synthase'
2 water water
#
_entity_poly.entity_id   1
_entity_poly.type   'polypeptide(L)'
_entity_poly.pdbx_seq_one_letter_code
;HHHHHHMRTANLYLAGIGSHLPPLFPAERAVAEGLYDEEARQSSGMRSAAVSASTPAPQMAIDAARAALESSGHDADDIG
ILLHSYTHHQGPDGWSAVHYILNNTVDRPVPAVEIKQGCLGMLASLDVAAARLIANPTHDAALITTGDNYSTPGVERWRA
SGLFVLADAGSAVVLSRRGGFAELLALDSLSDSSMEILHRAGEELFPPGVTRGRGLNFAERAEKVREQWAAGQAPPIKNF
GDRVAEVTERVLKQADVSWDQIAKVCHVGFGRPALEAMFLLPLDVPEEKTVWEYANTIGHTGAADLFLGLEHVWRTGQVG
PGDHVLLIGASTGMEAGAAVVRIAEAAPGSQGGGDA
;
_entity_poly.pdbx_strand_id   A,B
#
# COMPACT_ATOMS: atom_id res chain seq x y z
N ASN A 11 -9.05 -8.71 -23.22
CA ASN A 11 -7.64 -8.37 -23.44
C ASN A 11 -7.25 -7.13 -22.66
N LEU A 12 -6.06 -7.16 -22.06
CA LEU A 12 -5.50 -5.99 -21.40
C LEU A 12 -4.15 -5.66 -22.02
N TYR A 13 -3.85 -4.38 -22.14
CA TYR A 13 -2.64 -3.92 -22.81
C TYR A 13 -1.91 -2.88 -21.99
N LEU A 14 -0.60 -2.82 -22.18
CA LEU A 14 0.16 -1.66 -21.75
C LEU A 14 0.03 -0.60 -22.84
N ALA A 15 -0.64 0.51 -22.50
CA ALA A 15 -0.88 1.57 -23.48
C ALA A 15 0.24 2.60 -23.52
N GLY A 16 0.90 2.86 -22.40
CA GLY A 16 2.00 3.80 -22.41
C GLY A 16 2.95 3.41 -21.29
N ILE A 17 4.21 3.81 -21.46
CA ILE A 17 5.24 3.56 -20.45
C ILE A 17 6.16 4.76 -20.40
N GLY A 18 6.65 5.08 -19.19
CA GLY A 18 7.53 6.25 -19.04
C GLY A 18 8.36 6.13 -17.80
N SER A 19 9.38 6.99 -17.68
CA SER A 19 10.30 6.85 -16.55
C SER A 19 10.96 8.19 -16.27
N HIS A 20 11.52 8.28 -15.05
CA HIS A 20 12.43 9.37 -14.65
C HIS A 20 13.72 8.67 -14.22
N LEU A 21 14.79 8.86 -14.97
CA LEU A 21 16.06 8.19 -14.64
C LEU A 21 17.11 9.23 -14.29
N PRO A 22 17.51 9.32 -13.02
CA PRO A 22 18.50 10.30 -12.61
C PRO A 22 19.87 9.96 -13.17
N PRO A 23 20.86 10.84 -13.02
CA PRO A 23 22.18 10.57 -13.61
C PRO A 23 22.80 9.32 -13.02
N LEU A 24 23.59 8.62 -13.84
CA LEU A 24 24.22 7.38 -13.41
C LEU A 24 25.54 7.71 -12.73
N PHE A 25 25.67 7.31 -11.47
CA PHE A 25 26.84 7.58 -10.64
C PHE A 25 27.81 6.42 -10.82
N PRO A 26 29.01 6.64 -11.39
CA PRO A 26 29.89 5.51 -11.69
C PRO A 26 30.37 4.83 -10.42
N ALA A 27 30.39 3.49 -10.46
CA ALA A 27 30.87 2.74 -9.29
C ALA A 27 32.32 3.04 -8.98
N GLU A 28 33.15 3.23 -10.03
CA GLU A 28 34.50 3.80 -9.89
C GLU A 28 34.55 5.01 -8.98
N ARG A 29 33.69 5.97 -9.25
CA ARG A 29 33.66 7.21 -8.49
C ARG A 29 33.20 6.97 -7.06
N ALA A 30 32.26 6.04 -6.86
CA ALA A 30 31.84 5.68 -5.51
C ALA A 30 33.01 5.11 -4.70
N VAL A 31 33.81 4.25 -5.32
CA VAL A 31 35.01 3.74 -4.65
C VAL A 31 36.00 4.88 -4.39
N ALA A 32 36.25 5.72 -5.41
CA ALA A 32 37.17 6.85 -5.26
C ALA A 32 36.77 7.78 -4.11
N GLU A 33 35.47 7.93 -3.86
CA GLU A 33 34.97 8.82 -2.80
C GLU A 33 34.69 8.11 -1.48
N GLY A 34 35.10 6.86 -1.34
CA GLY A 34 34.93 6.14 -0.09
C GLY A 34 33.51 5.71 0.21
N LEU A 35 32.64 5.65 -0.81
CA LEU A 35 31.25 5.24 -0.60
C LEU A 35 31.03 3.73 -0.75
N TYR A 36 31.93 3.05 -1.44
CA TYR A 36 31.75 1.69 -1.93
C TYR A 36 33.06 0.95 -1.78
N ASP A 37 33.02 -0.28 -1.25
CA ASP A 37 34.23 -1.08 -1.11
C ASP A 37 34.74 -1.57 -2.44
N GLU A 38 36.04 -1.39 -2.70
CA GLU A 38 36.58 -1.86 -3.97
C GLU A 38 36.33 -3.34 -4.15
N GLU A 39 36.38 -4.14 -3.09
CA GLU A 39 36.28 -5.54 -3.45
C GLU A 39 34.84 -6.00 -3.55
N ALA A 40 33.88 -5.19 -3.08
CA ALA A 40 32.47 -5.38 -3.44
C ALA A 40 32.21 -5.00 -4.89
N ARG A 41 32.77 -3.88 -5.36
CA ARG A 41 32.66 -3.53 -6.78
C ARG A 41 33.18 -4.66 -7.66
N GLN A 42 34.33 -5.21 -7.30
CA GLN A 42 34.94 -6.30 -8.06
C GLN A 42 34.01 -7.51 -8.19
N SER A 43 33.38 -7.92 -7.09
CA SER A 43 32.56 -9.12 -7.15
C SER A 43 31.16 -8.85 -7.70
N SER A 44 30.59 -7.67 -7.48
CA SER A 44 29.22 -7.42 -7.94
C SER A 44 29.16 -7.21 -9.46
N GLY A 45 30.21 -6.66 -10.06
CA GLY A 45 30.14 -6.31 -11.47
C GLY A 45 29.39 -5.03 -11.76
N MET A 46 29.03 -4.26 -10.73
CA MET A 46 28.31 -3.00 -10.91
C MET A 46 29.19 -1.96 -11.59
N ARG A 47 28.60 -1.27 -12.57
CA ARG A 47 29.29 -0.19 -13.28
C ARG A 47 28.82 1.19 -12.87
N SER A 48 27.56 1.36 -12.51
CA SER A 48 27.04 2.63 -12.04
C SER A 48 25.68 2.36 -11.42
N ALA A 49 25.12 3.38 -10.77
CA ALA A 49 23.78 3.31 -10.19
C ALA A 49 23.10 4.67 -10.41
N ALA A 50 21.79 4.63 -10.64
CA ALA A 50 21.04 5.88 -10.82
C ALA A 50 20.85 6.56 -9.46
N VAL A 51 21.27 7.81 -9.35
CA VAL A 51 21.26 8.53 -8.08
C VAL A 51 20.68 9.92 -8.29
N SER A 52 19.63 10.25 -7.52
CA SER A 52 19.02 11.57 -7.54
C SER A 52 19.36 12.29 -6.25
N ALA A 53 20.07 13.43 -6.36
CA ALA A 53 20.47 14.16 -5.17
C ALA A 53 19.27 14.73 -4.44
N SER A 54 18.25 15.19 -5.17
CA SER A 54 17.21 15.96 -4.49
C SER A 54 15.79 15.87 -5.08
N THR A 55 15.52 15.04 -6.10
CA THR A 55 14.16 14.99 -6.63
C THR A 55 13.28 14.14 -5.73
N PRO A 56 12.21 14.69 -5.16
CA PRO A 56 11.32 13.87 -4.33
C PRO A 56 10.79 12.66 -5.10
N ALA A 57 10.69 11.53 -4.41
CA ALA A 57 10.18 10.32 -5.05
C ALA A 57 8.82 10.54 -5.72
N PRO A 58 7.86 11.25 -5.12
CA PRO A 58 6.59 11.49 -5.83
C PRO A 58 6.76 12.33 -7.08
N GLN A 59 7.78 13.21 -7.14
CA GLN A 59 7.98 13.99 -8.36
C GLN A 59 8.53 13.10 -9.46
N MET A 60 9.33 12.10 -9.10
CA MET A 60 9.80 11.16 -10.12
C MET A 60 8.62 10.36 -10.68
N ALA A 61 7.66 10.02 -9.80
CA ALA A 61 6.46 9.30 -10.26
C ALA A 61 5.62 10.17 -11.17
N ILE A 62 5.45 11.45 -10.81
CA ILE A 62 4.70 12.39 -11.65
C ILE A 62 5.35 12.50 -13.03
N ASP A 63 6.67 12.64 -13.07
CA ASP A 63 7.35 12.75 -14.36
C ASP A 63 7.12 11.51 -15.21
N ALA A 64 7.29 10.33 -14.60
CA ALA A 64 7.11 9.10 -15.37
C ALA A 64 5.68 8.97 -15.87
N ALA A 65 4.72 9.32 -15.00
CA ALA A 65 3.29 9.21 -15.31
C ALA A 65 2.89 10.15 -16.43
N ARG A 66 3.43 11.37 -16.43
CA ARG A 66 3.11 12.28 -17.53
C ARG A 66 3.62 11.74 -18.86
N ALA A 67 4.83 11.17 -18.86
CA ALA A 67 5.37 10.58 -20.08
C ALA A 67 4.54 9.39 -20.54
N ALA A 68 4.14 8.52 -19.61
CA ALA A 68 3.33 7.35 -19.99
C ALA A 68 1.96 7.76 -20.51
N LEU A 69 1.30 8.70 -19.85
CA LEU A 69 -0.03 9.15 -20.29
C LEU A 69 0.05 9.79 -21.68
N GLU A 70 1.00 10.67 -21.91
CA GLU A 70 0.80 11.41 -23.14
C GLU A 70 1.32 10.64 -24.35
N SER A 71 2.03 9.52 -24.14
CA SER A 71 2.31 8.57 -25.21
C SER A 71 1.30 7.42 -25.29
N SER A 72 0.27 7.41 -24.44
CA SER A 72 -0.65 6.28 -24.38
C SER A 72 -1.80 6.33 -25.38
N GLY A 73 -2.09 7.48 -25.95
CA GLY A 73 -3.30 7.63 -26.75
C GLY A 73 -4.58 7.70 -25.93
N HIS A 74 -4.48 7.74 -24.61
CA HIS A 74 -5.61 7.96 -23.72
C HIS A 74 -5.50 9.34 -23.09
N ASP A 75 -6.62 9.84 -22.58
CA ASP A 75 -6.62 11.12 -21.91
C ASP A 75 -6.95 10.92 -20.43
N ALA A 76 -6.90 12.02 -19.68
CA ALA A 76 -7.16 11.95 -18.24
C ALA A 76 -8.53 11.35 -17.93
N ASP A 77 -9.53 11.58 -18.80
CA ASP A 77 -10.87 11.05 -18.57
C ASP A 77 -10.95 9.54 -18.69
N ASP A 78 -9.95 8.88 -19.27
CA ASP A 78 -9.91 7.43 -19.38
C ASP A 78 -9.40 6.74 -18.13
N ILE A 79 -8.81 7.48 -17.18
CA ILE A 79 -8.09 6.90 -16.06
C ILE A 79 -9.06 6.68 -14.90
N GLY A 80 -9.32 5.40 -14.56
CA GLY A 80 -10.29 5.10 -13.53
C GLY A 80 -9.70 5.02 -12.12
N ILE A 81 -8.38 4.89 -12.03
CA ILE A 81 -7.72 4.79 -10.73
C ILE A 81 -6.24 5.09 -10.93
N LEU A 82 -5.59 5.63 -9.89
CA LEU A 82 -4.14 5.78 -9.82
C LEU A 82 -3.62 4.91 -8.68
N LEU A 83 -2.66 4.04 -8.98
CA LEU A 83 -2.02 3.15 -8.01
C LEU A 83 -0.53 3.49 -7.96
N HIS A 84 -0.04 3.92 -6.79
CA HIS A 84 1.37 4.29 -6.62
C HIS A 84 2.01 3.31 -5.64
N SER A 85 3.16 2.75 -6.02
CA SER A 85 3.87 1.85 -5.12
C SER A 85 5.27 2.40 -4.86
N TYR A 86 5.86 1.91 -3.77
CA TYR A 86 7.19 2.38 -3.38
C TYR A 86 7.71 1.46 -2.28
N THR A 87 8.98 1.68 -1.91
CA THR A 87 9.63 0.95 -0.82
C THR A 87 10.17 1.82 0.29
N HIS A 88 10.33 3.12 0.06
CA HIS A 88 11.03 4.00 0.99
C HIS A 88 10.19 5.25 1.18
N HIS A 89 10.52 6.02 2.23
CA HIS A 89 9.66 7.13 2.64
C HIS A 89 9.43 8.13 1.52
N GLN A 90 8.22 8.69 1.46
CA GLN A 90 7.80 9.50 0.33
C GLN A 90 7.64 10.99 0.62
N GLY A 91 7.57 11.38 1.89
CA GLY A 91 7.26 12.73 2.25
C GLY A 91 6.83 12.79 3.70
N PRO A 92 6.13 13.87 4.10
CA PRO A 92 5.74 14.00 5.51
C PRO A 92 4.90 12.81 5.97
N ASP A 93 5.07 12.42 7.21
CA ASP A 93 4.23 11.34 7.73
C ASP A 93 2.78 11.79 7.78
N GLY A 94 1.86 10.94 7.30
CA GLY A 94 0.47 11.30 7.27
C GLY A 94 0.04 12.12 6.08
N TRP A 95 0.94 12.42 5.15
CA TRP A 95 0.63 13.09 3.90
C TRP A 95 0.48 12.05 2.80
N SER A 96 -0.43 12.29 1.85
CA SER A 96 -0.72 11.30 0.81
C SER A 96 0.07 11.61 -0.46
N ALA A 97 1.18 10.91 -0.64
CA ALA A 97 1.94 11.04 -1.88
C ALA A 97 1.08 10.72 -3.10
N VAL A 98 0.25 9.67 -3.02
CA VAL A 98 -0.47 9.27 -4.23
C VAL A 98 -1.46 10.36 -4.65
N HIS A 99 -2.05 11.09 -3.69
CA HIS A 99 -2.96 12.17 -4.08
C HIS A 99 -2.21 13.36 -4.68
N TYR A 100 -1.01 13.61 -4.19
CA TYR A 100 -0.16 14.61 -4.84
C TYR A 100 0.16 14.21 -6.27
N ILE A 101 0.43 12.92 -6.51
CA ILE A 101 0.67 12.46 -7.88
C ILE A 101 -0.59 12.64 -8.72
N LEU A 102 -1.74 12.22 -8.18
CA LEU A 102 -3.01 12.37 -8.91
C LEU A 102 -3.23 13.83 -9.27
N ASN A 103 -3.00 14.72 -8.32
CA ASN A 103 -3.29 16.14 -8.53
C ASN A 103 -2.46 16.73 -9.65
N ASN A 104 -1.28 16.16 -9.92
CA ASN A 104 -0.37 16.72 -10.91
C ASN A 104 -0.30 15.90 -12.18
N THR A 105 -1.20 14.92 -12.37
CA THR A 105 -1.18 14.07 -13.54
C THR A 105 -2.55 13.95 -14.18
N VAL A 106 -3.55 13.52 -13.42
CA VAL A 106 -4.89 13.23 -13.93
C VAL A 106 -5.87 14.30 -13.49
N ASP A 107 -5.86 14.65 -12.19
CA ASP A 107 -6.75 15.66 -11.62
C ASP A 107 -8.20 15.49 -12.08
N ARG A 108 -8.72 14.29 -11.84
CA ARG A 108 -10.12 13.95 -11.87
C ARG A 108 -10.44 13.32 -10.53
N PRO A 109 -11.71 13.31 -10.10
CA PRO A 109 -12.01 12.81 -8.75
C PRO A 109 -11.99 11.29 -8.63
N VAL A 110 -11.06 10.61 -9.29
CA VAL A 110 -10.96 9.15 -9.23
C VAL A 110 -10.15 8.69 -8.01
N PRO A 111 -10.24 7.42 -7.58
CA PRO A 111 -9.47 6.97 -6.42
C PRO A 111 -7.97 6.99 -6.64
N ALA A 112 -7.25 7.26 -5.54
CA ALA A 112 -5.79 7.26 -5.51
C ALA A 112 -5.40 6.37 -4.34
N VAL A 113 -4.66 5.29 -4.62
CA VAL A 113 -4.35 4.28 -3.61
C VAL A 113 -2.86 3.96 -3.67
N GLU A 114 -2.27 3.70 -2.51
CA GLU A 114 -0.88 3.24 -2.43
C GLU A 114 -0.83 1.73 -2.20
N ILE A 115 0.07 1.08 -2.92
CA ILE A 115 0.31 -0.37 -2.91
C ILE A 115 1.76 -0.61 -2.49
N LYS A 116 2.01 -1.54 -1.59
CA LYS A 116 3.39 -1.89 -1.27
C LYS A 116 3.58 -3.39 -1.35
N GLN A 117 4.59 -3.82 -2.11
CA GLN A 117 5.01 -5.22 -2.13
C GLN A 117 6.47 -5.27 -2.50
N GLY A 118 7.29 -4.50 -1.79
CA GLY A 118 8.70 -4.45 -2.12
C GLY A 118 8.97 -4.19 -3.58
N CYS A 119 9.93 -4.92 -4.14
CA CYS A 119 10.29 -4.67 -5.56
C CYS A 119 9.22 -5.19 -6.51
N LEU A 120 8.20 -5.88 -5.99
CA LEU A 120 7.07 -6.28 -6.83
C LEU A 120 5.92 -5.26 -6.82
N GLY A 121 6.14 -4.06 -6.28
CA GLY A 121 5.05 -3.11 -6.14
C GLY A 121 4.34 -2.79 -7.44
N MET A 122 5.06 -2.68 -8.55
CA MET A 122 4.39 -2.35 -9.80
C MET A 122 3.61 -3.54 -10.35
N LEU A 123 4.12 -4.77 -10.21
CA LEU A 123 3.34 -5.94 -10.63
C LEU A 123 2.09 -6.11 -9.76
N ALA A 124 2.22 -5.90 -8.45
CA ALA A 124 1.05 -5.96 -7.59
C ALA A 124 0.02 -4.91 -8.01
N SER A 125 0.49 -3.69 -8.30
CA SER A 125 -0.40 -2.63 -8.77
C SER A 125 -1.05 -3.01 -10.11
N LEU A 126 -0.26 -3.57 -11.02
CA LEU A 126 -0.83 -3.98 -12.31
C LEU A 126 -1.91 -5.04 -12.11
N ASP A 127 -1.71 -5.94 -11.15
CA ASP A 127 -2.71 -6.96 -10.87
C ASP A 127 -4.00 -6.36 -10.31
N VAL A 128 -3.87 -5.37 -9.42
CA VAL A 128 -5.04 -4.67 -8.90
C VAL A 128 -5.77 -3.94 -10.02
N ALA A 129 -5.02 -3.23 -10.88
CA ALA A 129 -5.66 -2.52 -11.99
C ALA A 129 -6.34 -3.49 -12.96
N ALA A 130 -5.68 -4.60 -13.29
CA ALA A 130 -6.29 -5.59 -14.19
C ALA A 130 -7.63 -6.07 -13.66
N ALA A 131 -7.67 -6.49 -12.39
CA ALA A 131 -8.93 -6.96 -11.82
C ALA A 131 -10.00 -5.88 -11.84
N ARG A 132 -9.61 -4.64 -11.56
CA ARG A 132 -10.58 -3.54 -11.61
C ARG A 132 -11.10 -3.31 -13.03
N LEU A 133 -10.21 -3.31 -14.03
CA LEU A 133 -10.67 -3.10 -15.40
C LEU A 133 -11.58 -4.24 -15.87
N ILE A 134 -11.41 -5.44 -15.30
CA ILE A 134 -12.27 -6.57 -15.65
C ILE A 134 -13.62 -6.47 -14.94
N ALA A 135 -13.61 -6.07 -13.65
CA ALA A 135 -14.83 -6.04 -12.84
C ALA A 135 -15.59 -4.73 -12.92
N ASN A 136 -14.91 -3.60 -13.19
CA ASN A 136 -15.53 -2.26 -13.29
C ASN A 136 -15.57 -1.80 -14.74
N PRO A 137 -16.73 -1.59 -15.33
CA PRO A 137 -16.79 -1.09 -16.70
C PRO A 137 -16.58 0.41 -16.85
N THR A 138 -16.37 1.15 -15.75
CA THR A 138 -16.58 2.59 -15.80
C THR A 138 -15.53 3.30 -16.64
N HIS A 139 -14.27 2.90 -16.53
CA HIS A 139 -13.19 3.53 -17.28
C HIS A 139 -12.39 2.49 -18.05
N ASP A 140 -11.80 2.91 -19.16
CA ASP A 140 -11.04 2.00 -20.02
C ASP A 140 -9.61 1.76 -19.52
N ALA A 141 -9.06 2.61 -18.66
CA ALA A 141 -7.64 2.52 -18.35
C ALA A 141 -7.39 2.78 -16.86
N ALA A 142 -6.14 2.56 -16.46
CA ALA A 142 -5.67 2.78 -15.10
C ALA A 142 -4.21 3.22 -15.19
N LEU A 143 -3.77 4.00 -14.20
CA LEU A 143 -2.43 4.55 -14.15
C LEU A 143 -1.68 3.93 -12.98
N ILE A 144 -0.49 3.39 -13.24
CA ILE A 144 0.30 2.72 -12.20
C ILE A 144 1.64 3.44 -12.16
N THR A 145 2.09 3.85 -10.97
CA THR A 145 3.33 4.61 -10.85
C THR A 145 4.20 4.07 -9.72
N THR A 146 5.48 4.43 -9.77
CA THR A 146 6.36 4.19 -8.63
C THR A 146 7.46 5.25 -8.62
N GLY A 147 8.02 5.49 -7.44
CA GLY A 147 9.18 6.36 -7.30
C GLY A 147 9.81 6.14 -5.95
N ASP A 148 11.14 6.25 -5.90
CA ASP A 148 11.86 6.17 -4.64
C ASP A 148 13.16 6.95 -4.76
N ASN A 149 13.54 7.63 -3.68
CA ASN A 149 14.80 8.35 -3.61
C ASN A 149 15.50 7.97 -2.29
N TYR A 150 16.64 7.29 -2.42
CA TYR A 150 17.39 6.79 -1.27
C TYR A 150 18.46 7.78 -0.78
N SER A 151 18.44 9.01 -1.29
CA SER A 151 19.41 10.03 -0.85
C SER A 151 18.95 10.66 0.46
N THR A 152 18.70 9.86 1.48
CA THR A 152 18.14 10.38 2.71
C THR A 152 19.10 10.12 3.87
N PRO A 153 18.97 10.85 4.97
CA PRO A 153 19.99 10.81 6.03
C PRO A 153 20.32 9.41 6.52
N GLY A 154 21.63 9.12 6.51
CA GLY A 154 22.14 7.87 7.04
C GLY A 154 22.12 6.68 6.08
N VAL A 155 21.34 6.73 5.00
CA VAL A 155 21.34 5.63 4.03
C VAL A 155 22.68 5.64 3.28
N GLU A 156 23.39 4.52 3.30
CA GLU A 156 24.57 4.36 2.48
C GLU A 156 24.19 3.41 1.34
N ARG A 157 23.93 4.01 0.16
CA ARG A 157 23.28 3.25 -0.90
C ARG A 157 24.16 2.13 -1.42
N TRP A 158 25.49 2.30 -1.33
CA TRP A 158 26.41 1.30 -1.86
C TRP A 158 26.70 0.20 -0.86
N ARG A 159 26.35 0.38 0.42
CA ARG A 159 26.69 -0.60 1.44
C ARG A 159 25.51 -1.19 2.19
N ALA A 160 24.30 -0.64 2.04
CA ALA A 160 23.16 -1.08 2.84
C ALA A 160 22.96 -2.58 2.73
N SER A 161 23.10 -3.14 1.53
CA SER A 161 23.00 -4.58 1.32
C SER A 161 24.22 -5.05 0.58
N GLY A 162 24.65 -6.28 0.89
CA GLY A 162 25.71 -6.86 0.09
C GLY A 162 25.26 -7.44 -1.23
N LEU A 163 23.94 -7.51 -1.45
CA LEU A 163 23.39 -8.11 -2.65
C LEU A 163 23.25 -7.13 -3.81
N PHE A 164 23.16 -5.84 -3.54
CA PHE A 164 22.84 -4.87 -4.59
C PHE A 164 23.22 -3.48 -4.09
N VAL A 165 23.19 -2.54 -5.02
CA VAL A 165 23.29 -1.10 -4.76
C VAL A 165 21.91 -0.49 -4.92
N LEU A 166 21.47 0.30 -3.93
CA LEU A 166 20.18 1.01 -4.01
C LEU A 166 20.24 2.13 -5.03
N ALA A 167 19.16 2.25 -5.82
CA ALA A 167 19.09 3.19 -6.93
C ALA A 167 17.79 3.98 -6.86
N ASP A 168 17.79 5.17 -7.47
CA ASP A 168 16.65 6.08 -7.45
C ASP A 168 16.05 6.15 -8.86
N ALA A 169 14.72 6.21 -8.94
CA ALA A 169 14.06 6.32 -10.25
C ALA A 169 12.56 6.47 -10.05
N GLY A 170 11.89 6.89 -11.12
CA GLY A 170 10.45 6.75 -11.24
C GLY A 170 10.11 5.98 -12.51
N SER A 171 8.96 5.30 -12.49
CA SER A 171 8.45 4.57 -13.65
C SER A 171 6.93 4.56 -13.59
N ALA A 172 6.30 4.40 -14.76
CA ALA A 172 4.84 4.34 -14.79
C ALA A 172 4.37 3.65 -16.06
N VAL A 173 3.17 3.06 -15.98
CA VAL A 173 2.53 2.45 -17.13
C VAL A 173 1.05 2.79 -17.09
N VAL A 174 0.46 2.92 -18.29
CA VAL A 174 -0.99 2.96 -18.45
C VAL A 174 -1.43 1.57 -18.89
N LEU A 175 -2.36 1.00 -18.13
CA LEU A 175 -2.97 -0.29 -18.47
C LEU A 175 -4.34 -0.04 -19.07
N SER A 176 -4.67 -0.75 -20.15
CA SER A 176 -5.88 -0.38 -20.88
C SER A 176 -6.58 -1.61 -21.43
N ARG A 177 -7.90 -1.57 -21.45
CA ARG A 177 -8.68 -2.60 -22.12
C ARG A 177 -8.87 -2.32 -23.61
N ARG A 178 -8.48 -1.15 -24.10
CA ARG A 178 -8.80 -0.88 -25.48
C ARG A 178 -7.60 -0.86 -26.44
N GLY A 179 -6.37 -0.83 -25.95
CA GLY A 179 -5.24 -1.11 -26.83
C GLY A 179 -3.95 -0.60 -26.23
N GLY A 180 -2.85 -0.89 -26.91
CA GLY A 180 -1.56 -0.38 -26.48
C GLY A 180 -0.42 -1.01 -27.27
N PHE A 181 0.81 -0.77 -26.77
CA PHE A 181 2.01 -1.23 -27.48
C PHE A 181 2.41 -2.66 -27.13
N ALA A 182 1.82 -3.26 -26.09
CA ALA A 182 2.13 -4.62 -25.65
C ALA A 182 0.88 -5.21 -25.01
N GLU A 183 0.71 -6.52 -25.14
CA GLU A 183 -0.43 -7.18 -24.51
C GLU A 183 0.01 -7.93 -23.27
N LEU A 184 -0.74 -7.75 -22.17
CA LEU A 184 -0.47 -8.45 -20.92
C LEU A 184 -1.09 -9.84 -20.99
N LEU A 185 -0.26 -10.87 -21.05
CA LEU A 185 -0.75 -12.24 -21.21
C LEU A 185 -0.99 -12.95 -19.90
N ALA A 186 -0.17 -12.70 -18.89
CA ALA A 186 -0.30 -13.41 -17.62
C ALA A 186 0.43 -12.64 -16.54
N LEU A 187 -0.01 -12.83 -15.30
CA LEU A 187 0.57 -12.15 -14.15
C LEU A 187 0.23 -12.99 -12.94
N ASP A 188 1.23 -13.40 -12.17
CA ASP A 188 0.90 -14.19 -10.97
C ASP A 188 2.02 -14.06 -9.96
N SER A 189 1.73 -14.48 -8.73
CA SER A 189 2.74 -14.43 -7.69
C SER A 189 2.44 -15.51 -6.65
N LEU A 190 3.47 -15.83 -5.88
CA LEU A 190 3.32 -16.79 -4.79
C LEU A 190 4.33 -16.47 -3.70
N SER A 191 3.89 -16.63 -2.46
CA SER A 191 4.66 -16.26 -1.31
C SER A 191 5.34 -17.47 -0.69
N ASP A 192 6.42 -17.21 0.03
CA ASP A 192 6.98 -18.12 1.05
C ASP A 192 7.20 -17.24 2.28
N SER A 193 6.14 -17.10 3.08
CA SER A 193 6.19 -16.16 4.20
C SER A 193 7.10 -16.63 5.32
N SER A 194 7.61 -17.87 5.26
CA SER A 194 8.58 -18.28 6.27
C SER A 194 9.88 -17.50 6.18
N MET A 195 10.12 -16.84 5.05
CA MET A 195 11.32 -16.04 4.88
C MET A 195 11.20 -14.64 5.47
N GLU A 196 10.03 -14.27 6.03
CA GLU A 196 9.87 -12.92 6.56
C GLU A 196 10.94 -12.57 7.59
N ILE A 197 11.40 -13.56 8.36
CA ILE A 197 12.28 -13.29 9.48
C ILE A 197 13.64 -12.73 9.04
N LEU A 198 14.05 -13.00 7.79
CA LEU A 198 15.35 -12.54 7.31
C LEU A 198 15.52 -11.03 7.49
N HIS A 199 14.47 -10.24 7.24
CA HIS A 199 14.59 -8.80 7.27
C HIS A 199 14.16 -8.18 8.59
N ARG A 200 14.03 -8.99 9.65
CA ARG A 200 13.94 -8.45 10.99
C ARG A 200 14.97 -9.08 11.93
N ALA A 201 15.87 -9.93 11.43
CA ALA A 201 16.84 -10.61 12.29
C ALA A 201 17.68 -9.62 13.08
N GLY A 202 17.68 -9.77 14.40
CA GLY A 202 18.41 -8.87 15.27
C GLY A 202 17.72 -7.56 15.57
N GLU A 203 16.52 -7.31 15.04
CA GLU A 203 15.81 -6.06 15.24
C GLU A 203 14.66 -6.24 16.24
N GLU A 204 14.34 -5.17 16.95
CA GLU A 204 13.12 -5.07 17.74
C GLU A 204 11.97 -4.63 16.85
N LEU A 205 10.85 -5.36 16.88
CA LEU A 205 9.68 -4.91 16.12
C LEU A 205 9.15 -3.59 16.64
N PHE A 206 9.14 -3.41 17.97
CA PHE A 206 8.46 -2.26 18.53
C PHE A 206 9.34 -1.52 19.54
N PRO A 207 9.38 -0.18 19.49
CA PRO A 207 8.86 0.67 18.42
C PRO A 207 9.61 0.45 17.11
N PRO A 208 8.96 0.71 15.98
CA PRO A 208 9.62 0.51 14.68
C PRO A 208 10.93 1.28 14.57
N GLY A 209 11.92 0.65 13.95
CA GLY A 209 13.29 1.17 14.00
C GLY A 209 13.44 2.61 13.55
N VAL A 210 12.71 3.00 12.51
CA VAL A 210 12.90 4.35 11.97
C VAL A 210 12.57 5.41 13.00
N THR A 211 11.63 5.14 13.92
CA THR A 211 11.32 6.12 14.96
C THR A 211 12.39 6.16 16.04
N ARG A 212 13.38 5.28 15.95
CA ARG A 212 14.51 5.18 16.89
C ARG A 212 15.85 5.39 16.20
N GLY A 213 15.86 5.89 14.97
CA GLY A 213 17.09 6.14 14.25
C GLY A 213 17.75 4.95 13.59
N ARG A 214 17.01 3.85 13.39
CA ARG A 214 17.54 2.67 12.72
C ARG A 214 16.94 2.57 11.31
N GLY A 215 17.80 2.41 10.30
CA GLY A 215 17.38 2.46 8.91
C GLY A 215 17.57 1.19 8.10
N LEU A 216 18.19 1.30 6.93
CA LEU A 216 18.29 0.16 6.00
C LEU A 216 19.58 -0.61 6.24
N ASN A 217 19.63 -1.31 7.36
CA ASN A 217 20.84 -2.03 7.74
C ASN A 217 20.73 -3.49 7.31
N PHE A 218 20.49 -3.70 6.00
CA PHE A 218 20.24 -5.06 5.50
C PHE A 218 21.42 -6.00 5.72
N ALA A 219 22.65 -5.53 5.45
CA ALA A 219 23.83 -6.37 5.62
C ALA A 219 23.96 -6.86 7.05
N GLU A 220 23.68 -5.99 8.01
CA GLU A 220 23.71 -6.37 9.42
C GLU A 220 22.66 -7.45 9.73
N ARG A 221 21.44 -7.28 9.22
CA ARG A 221 20.42 -8.28 9.45
C ARG A 221 20.83 -9.63 8.86
N ALA A 222 21.42 -9.61 7.66
CA ALA A 222 21.84 -10.85 7.02
C ALA A 222 22.93 -11.55 7.84
N GLU A 223 23.82 -10.77 8.45
CA GLU A 223 24.84 -11.36 9.30
C GLU A 223 24.23 -12.05 10.52
N LYS A 224 23.21 -11.43 11.12
CA LYS A 224 22.48 -12.09 12.21
C LYS A 224 21.81 -13.37 11.73
N VAL A 225 21.32 -13.39 10.50
CA VAL A 225 20.71 -14.61 9.96
C VAL A 225 21.75 -15.72 9.87
N ARG A 226 22.93 -15.41 9.35
CA ARG A 226 24.00 -16.41 9.26
C ARG A 226 24.38 -16.95 10.63
N GLU A 227 24.47 -16.06 11.63
CA GLU A 227 24.83 -16.50 12.98
C GLU A 227 23.77 -17.43 13.56
N GLN A 228 22.49 -17.17 13.26
CA GLN A 228 21.39 -17.88 13.89
C GLN A 228 20.85 -19.02 13.04
N TRP A 229 21.27 -19.16 11.78
CA TRP A 229 20.63 -20.11 10.88
C TRP A 229 20.80 -21.53 11.42
N ALA A 230 19.67 -22.24 11.53
CA ALA A 230 19.68 -23.58 12.11
C ALA A 230 20.48 -24.52 11.22
N ALA A 231 21.25 -25.39 11.85
CA ALA A 231 22.14 -26.26 11.10
C ALA A 231 21.35 -27.37 10.41
N GLY A 232 21.76 -27.74 9.18
CA GLY A 232 20.95 -28.68 8.44
C GLY A 232 19.79 -28.07 7.66
N GLN A 233 19.69 -26.74 7.58
CA GLN A 233 18.61 -26.07 6.85
C GLN A 233 19.20 -25.56 5.55
N ALA A 234 18.54 -25.87 4.44
CA ALA A 234 18.98 -25.33 3.17
C ALA A 234 19.06 -23.81 3.29
N PRO A 235 20.04 -23.16 2.67
CA PRO A 235 20.18 -21.70 2.79
C PRO A 235 18.95 -21.00 2.25
N PRO A 236 18.71 -19.75 2.66
CA PRO A 236 17.48 -19.06 2.20
C PRO A 236 17.44 -18.82 0.71
N ILE A 237 18.61 -18.68 0.06
CA ILE A 237 18.63 -18.47 -1.39
C ILE A 237 17.94 -19.61 -2.13
N LYS A 238 18.00 -20.83 -1.59
CA LYS A 238 17.30 -21.94 -2.22
C LYS A 238 15.79 -21.70 -2.20
N ASN A 239 15.25 -21.31 -1.03
CA ASN A 239 13.84 -20.97 -0.95
C ASN A 239 13.47 -19.93 -2.00
N PHE A 240 14.29 -18.89 -2.13
CA PHE A 240 13.99 -17.80 -3.05
C PHE A 240 14.01 -18.31 -4.49
N GLY A 241 15.07 -19.04 -4.84
CA GLY A 241 15.21 -19.53 -6.21
C GLY A 241 14.17 -20.57 -6.59
N ASP A 242 13.77 -21.41 -5.64
CA ASP A 242 12.70 -22.38 -5.92
C ASP A 242 11.39 -21.67 -6.23
N ARG A 243 11.04 -20.65 -5.44
CA ARG A 243 9.77 -19.96 -5.70
C ARG A 243 9.84 -19.17 -7.00
N VAL A 244 11.01 -18.59 -7.30
CA VAL A 244 11.19 -17.93 -8.59
C VAL A 244 10.93 -18.89 -9.74
N ALA A 245 11.48 -20.10 -9.65
CA ALA A 245 11.27 -21.07 -10.73
C ALA A 245 9.80 -21.48 -10.83
N GLU A 246 9.14 -21.69 -9.68
CA GLU A 246 7.73 -22.08 -9.68
C GLU A 246 6.83 -21.02 -10.29
N VAL A 247 7.02 -19.76 -9.90
CA VAL A 247 6.08 -18.77 -10.40
C VAL A 247 6.29 -18.55 -11.90
N THR A 248 7.53 -18.67 -12.37
CA THR A 248 7.80 -18.48 -13.79
C THR A 248 7.17 -19.61 -14.59
N GLU A 249 7.32 -20.84 -14.10
CA GLU A 249 6.67 -21.95 -14.78
C GLU A 249 5.16 -21.74 -14.85
N ARG A 250 4.57 -21.20 -13.78
CA ARG A 250 3.12 -21.00 -13.75
C ARG A 250 2.67 -19.94 -14.76
N VAL A 251 3.39 -18.80 -14.84
CA VAL A 251 2.90 -17.74 -15.73
C VAL A 251 3.15 -18.07 -17.19
N LEU A 252 4.24 -18.78 -17.50
CA LEU A 252 4.44 -19.26 -18.87
C LEU A 252 3.30 -20.17 -19.28
N LYS A 253 2.89 -21.05 -18.38
CA LYS A 253 1.78 -21.95 -18.64
C LYS A 253 0.48 -21.17 -18.81
N GLN A 254 0.26 -20.15 -17.96
CA GLN A 254 -0.94 -19.31 -18.08
C GLN A 254 -0.93 -18.51 -19.38
N ALA A 255 0.23 -18.06 -19.82
CA ALA A 255 0.30 -17.29 -21.05
C ALA A 255 0.30 -18.17 -22.29
N ASP A 256 0.48 -19.48 -22.12
CA ASP A 256 0.61 -20.43 -23.24
C ASP A 256 1.77 -20.04 -24.15
N VAL A 257 2.91 -19.72 -23.55
CA VAL A 257 4.15 -19.46 -24.27
C VAL A 257 5.26 -20.31 -23.67
N SER A 258 6.23 -20.66 -24.50
CA SER A 258 7.38 -21.44 -24.09
C SER A 258 8.60 -20.54 -23.99
N TRP A 259 9.63 -21.04 -23.28
CA TRP A 259 10.90 -20.31 -23.19
C TRP A 259 11.41 -19.94 -24.57
N ASP A 260 11.22 -20.82 -25.53
CA ASP A 260 11.49 -20.62 -26.95
C ASP A 260 11.04 -19.24 -27.41
N GLN A 261 9.85 -18.81 -26.96
CA GLN A 261 9.23 -17.58 -27.39
C GLN A 261 9.62 -16.36 -26.55
N ILE A 262 10.40 -16.52 -25.49
CA ILE A 262 10.81 -15.41 -24.64
C ILE A 262 12.09 -14.81 -25.20
N ALA A 263 12.01 -13.55 -25.62
CA ALA A 263 13.14 -12.84 -26.21
C ALA A 263 14.03 -12.20 -25.14
N LYS A 264 13.43 -11.67 -24.08
CA LYS A 264 14.16 -10.96 -23.04
C LYS A 264 13.55 -11.29 -21.69
N VAL A 265 14.41 -11.38 -20.68
CA VAL A 265 14.02 -11.55 -19.29
C VAL A 265 14.36 -10.25 -18.59
N CYS A 266 13.34 -9.51 -18.17
CA CYS A 266 13.53 -8.27 -17.41
C CYS A 266 13.54 -8.62 -15.92
N HIS A 267 14.74 -8.58 -15.33
CA HIS A 267 15.01 -9.00 -13.97
C HIS A 267 15.44 -7.78 -13.15
N VAL A 268 15.61 -7.99 -11.85
CA VAL A 268 16.00 -6.91 -10.95
C VAL A 268 17.47 -6.56 -11.17
N GLY A 269 17.84 -5.35 -10.73
CA GLY A 269 19.20 -4.89 -10.86
C GLY A 269 20.07 -5.26 -9.67
N PHE A 270 20.24 -6.55 -9.41
CA PHE A 270 21.11 -7.02 -8.35
C PHE A 270 22.56 -7.09 -8.83
N GLY A 271 23.50 -7.13 -7.88
CA GLY A 271 24.84 -7.54 -8.23
C GLY A 271 24.85 -8.95 -8.84
N ARG A 272 25.90 -9.22 -9.61
CA ARG A 272 25.92 -10.47 -10.38
C ARG A 272 25.80 -11.72 -9.51
N PRO A 273 26.50 -11.86 -8.38
CA PRO A 273 26.35 -13.11 -7.61
C PRO A 273 24.91 -13.39 -7.18
N ALA A 274 24.23 -12.38 -6.62
CA ALA A 274 22.85 -12.55 -6.19
C ALA A 274 21.91 -12.70 -7.38
N LEU A 275 22.14 -11.96 -8.45
CA LEU A 275 21.33 -12.12 -9.66
C LEU A 275 21.39 -13.55 -10.18
N GLU A 276 22.59 -14.13 -10.21
CA GLU A 276 22.74 -15.50 -10.68
C GLU A 276 22.09 -16.48 -9.71
N ALA A 277 22.35 -16.33 -8.41
CA ALA A 277 21.85 -17.32 -7.45
C ALA A 277 20.33 -17.30 -7.36
N MET A 278 19.72 -16.11 -7.41
CA MET A 278 18.28 -16.02 -7.24
C MET A 278 17.49 -16.12 -8.53
N PHE A 279 18.08 -15.79 -9.69
CA PHE A 279 17.28 -15.69 -10.89
C PHE A 279 17.89 -16.44 -12.08
N LEU A 280 19.12 -16.12 -12.47
CA LEU A 280 19.62 -16.62 -13.75
C LEU A 280 19.88 -18.13 -13.68
N LEU A 281 20.37 -18.62 -12.54
CA LEU A 281 20.62 -20.06 -12.44
C LEU A 281 19.32 -20.83 -12.26
N PRO A 282 18.44 -20.46 -11.30
CA PRO A 282 17.17 -21.19 -11.19
C PRO A 282 16.38 -21.24 -12.47
N LEU A 283 16.47 -20.21 -13.32
CA LEU A 283 15.71 -20.20 -14.55
C LEU A 283 16.54 -20.64 -15.76
N ASP A 284 17.84 -20.86 -15.58
CA ASP A 284 18.75 -21.21 -16.66
C ASP A 284 18.60 -20.26 -17.85
N VAL A 285 18.78 -18.96 -17.55
CA VAL A 285 18.56 -17.93 -18.57
C VAL A 285 19.78 -17.87 -19.49
N PRO A 286 19.58 -17.99 -20.80
CA PRO A 286 20.69 -17.70 -21.73
C PRO A 286 21.12 -16.25 -21.60
N GLU A 287 22.44 -16.02 -21.67
CA GLU A 287 22.96 -14.69 -21.38
C GLU A 287 22.41 -13.64 -22.32
N GLU A 288 22.13 -14.00 -23.58
CA GLU A 288 21.60 -13.03 -24.54
C GLU A 288 20.18 -12.59 -24.18
N LYS A 289 19.47 -13.35 -23.36
CA LYS A 289 18.13 -12.99 -22.94
C LYS A 289 18.11 -12.12 -21.68
N THR A 290 19.24 -11.95 -20.99
CA THR A 290 19.27 -11.10 -19.80
C THR A 290 19.29 -9.62 -20.21
N VAL A 291 19.16 -8.74 -19.21
CA VAL A 291 19.39 -7.31 -19.40
C VAL A 291 20.54 -6.87 -18.50
N TRP A 292 21.48 -7.79 -18.25
CA TRP A 292 22.59 -7.54 -17.34
C TRP A 292 23.35 -6.26 -17.69
N GLU A 293 23.71 -6.05 -18.97
CA GLU A 293 24.54 -4.88 -19.23
C GLU A 293 23.78 -3.56 -19.12
N TYR A 294 22.46 -3.60 -19.03
CA TYR A 294 21.71 -2.40 -18.63
C TYR A 294 21.58 -2.31 -17.12
N ALA A 295 21.17 -3.41 -16.49
CA ALA A 295 20.94 -3.43 -15.05
C ALA A 295 22.19 -3.03 -14.26
N ASN A 296 23.39 -3.42 -14.72
CA ASN A 296 24.59 -3.12 -13.95
C ASN A 296 25.02 -1.66 -14.08
N THR A 297 24.27 -0.85 -14.85
CA THR A 297 24.47 0.59 -14.87
C THR A 297 23.42 1.34 -14.07
N ILE A 298 22.34 0.66 -13.66
CA ILE A 298 21.22 1.27 -12.95
C ILE A 298 21.22 0.92 -11.47
N GLY A 299 21.32 -0.36 -11.13
CA GLY A 299 21.19 -0.80 -9.76
C GLY A 299 19.76 -1.18 -9.42
N HIS A 300 19.48 -1.30 -8.13
CA HIS A 300 18.20 -1.83 -7.63
C HIS A 300 17.35 -0.68 -7.12
N THR A 301 16.39 -0.25 -7.95
CA THR A 301 15.41 0.73 -7.53
C THR A 301 14.37 0.07 -6.63
N GLY A 302 13.55 0.89 -5.96
CA GLY A 302 12.53 0.35 -5.09
C GLY A 302 11.62 -0.68 -5.74
N ALA A 303 10.88 -0.26 -6.76
CA ALA A 303 9.93 -1.14 -7.44
C ALA A 303 9.86 -0.86 -8.93
N ALA A 304 10.86 -0.19 -9.51
CA ALA A 304 10.84 0.18 -10.91
C ALA A 304 11.65 -0.74 -11.81
N ASP A 305 12.48 -1.65 -11.25
CA ASP A 305 13.46 -2.39 -12.04
C ASP A 305 12.84 -3.08 -13.26
N LEU A 306 11.72 -3.77 -13.05
CA LEU A 306 11.16 -4.60 -14.11
C LEU A 306 10.67 -3.75 -15.26
N PHE A 307 10.05 -2.63 -14.96
CA PHE A 307 9.51 -1.79 -16.00
C PHE A 307 10.53 -0.84 -16.61
N LEU A 308 11.59 -0.47 -15.88
CA LEU A 308 12.70 0.20 -16.55
C LEU A 308 13.35 -0.72 -17.57
N GLY A 309 13.49 -2.00 -17.22
CA GLY A 309 14.06 -2.95 -18.15
C GLY A 309 13.17 -3.16 -19.36
N LEU A 310 11.86 -3.30 -19.15
CA LEU A 310 10.93 -3.43 -20.27
C LEU A 310 11.02 -2.22 -21.19
N GLU A 311 10.97 -1.01 -20.61
CA GLU A 311 11.02 0.18 -21.46
C GLU A 311 12.34 0.24 -22.23
N HIS A 312 13.44 -0.16 -21.59
CA HIS A 312 14.75 -0.15 -22.24
C HIS A 312 14.80 -1.10 -23.44
N VAL A 313 14.38 -2.36 -23.26
CA VAL A 313 14.53 -3.29 -24.39
C VAL A 313 13.55 -2.93 -25.51
N TRP A 314 12.41 -2.34 -25.17
CA TRP A 314 11.46 -1.91 -26.20
C TRP A 314 11.98 -0.68 -26.95
N ARG A 315 12.37 0.38 -26.22
CA ARG A 315 12.74 1.62 -26.90
C ARG A 315 14.07 1.52 -27.65
N THR A 316 14.94 0.59 -27.28
CA THR A 316 16.17 0.40 -28.03
C THR A 316 16.02 -0.55 -29.20
N GLY A 317 14.82 -1.08 -29.41
CA GLY A 317 14.60 -1.97 -30.54
C GLY A 317 15.09 -3.38 -30.36
N GLN A 318 15.40 -3.79 -29.14
CA GLN A 318 15.84 -5.16 -28.91
C GLN A 318 14.68 -6.15 -28.93
N VAL A 319 13.44 -5.68 -28.79
CA VAL A 319 12.25 -6.50 -28.98
C VAL A 319 11.30 -5.73 -29.89
N GLY A 320 10.55 -6.47 -30.69
CA GLY A 320 9.60 -5.89 -31.61
C GLY A 320 8.32 -6.69 -31.66
N PRO A 321 7.40 -6.31 -32.55
CA PRO A 321 6.09 -6.96 -32.58
C PRO A 321 6.21 -8.47 -32.72
N GLY A 322 5.45 -9.19 -31.88
CA GLY A 322 5.51 -10.64 -31.84
C GLY A 322 6.44 -11.23 -30.81
N ASP A 323 7.44 -10.47 -30.35
CA ASP A 323 8.32 -10.96 -29.30
C ASP A 323 7.59 -10.99 -27.96
N HIS A 324 7.97 -11.94 -27.12
CA HIS A 324 7.46 -12.02 -25.76
C HIS A 324 8.57 -11.66 -24.77
N VAL A 325 8.19 -11.01 -23.68
CA VAL A 325 9.13 -10.60 -22.63
C VAL A 325 8.62 -11.14 -21.29
N LEU A 326 9.53 -11.71 -20.50
CA LEU A 326 9.20 -12.13 -19.14
C LEU A 326 9.70 -11.08 -18.16
N LEU A 327 8.83 -10.66 -17.25
CA LEU A 327 9.21 -9.84 -16.10
C LEU A 327 9.22 -10.72 -14.85
N ILE A 328 10.33 -10.70 -14.10
CA ILE A 328 10.44 -11.58 -12.93
C ILE A 328 11.13 -10.84 -11.79
N GLY A 329 10.54 -10.93 -10.59
CA GLY A 329 11.17 -10.37 -9.42
C GLY A 329 10.85 -11.17 -8.18
N ALA A 330 11.53 -10.83 -7.09
CA ALA A 330 11.24 -11.45 -5.80
C ALA A 330 11.44 -10.40 -4.73
N SER A 331 10.43 -10.22 -3.89
CA SER A 331 10.45 -9.20 -2.86
C SER A 331 10.64 -9.81 -1.48
N THR A 332 11.04 -8.94 -0.55
CA THR A 332 11.11 -9.26 0.87
C THR A 332 9.81 -9.90 1.33
N GLY A 333 9.91 -10.90 2.22
CA GLY A 333 8.69 -11.50 2.74
C GLY A 333 8.59 -13.01 2.89
N MET A 334 8.84 -13.81 1.84
CA MET A 334 9.18 -13.31 0.51
C MET A 334 8.04 -13.63 -0.42
N GLU A 335 8.12 -13.06 -1.62
CA GLU A 335 7.11 -13.32 -2.62
C GLU A 335 7.81 -13.27 -3.97
N ALA A 336 7.47 -14.21 -4.85
CA ALA A 336 7.99 -14.20 -6.21
C ALA A 336 6.86 -13.83 -7.15
N GLY A 337 7.11 -12.93 -8.09
CA GLY A 337 6.09 -12.47 -8.99
C GLY A 337 6.61 -12.40 -10.43
N ALA A 338 5.71 -12.67 -11.37
CA ALA A 338 6.11 -12.67 -12.77
C ALA A 338 4.96 -12.24 -13.66
N ALA A 339 5.32 -11.72 -14.84
CA ALA A 339 4.38 -11.37 -15.89
C ALA A 339 4.97 -11.73 -17.24
N VAL A 340 4.09 -11.99 -18.21
CA VAL A 340 4.48 -12.20 -19.61
C VAL A 340 3.74 -11.18 -20.46
N VAL A 341 4.48 -10.44 -21.27
CA VAL A 341 3.85 -9.51 -22.20
C VAL A 341 4.28 -9.85 -23.62
N ARG A 342 3.35 -9.59 -24.54
CA ARG A 342 3.59 -9.71 -25.98
C ARG A 342 3.73 -8.33 -26.58
N ILE A 343 4.91 -8.04 -27.15
CA ILE A 343 5.15 -6.78 -27.82
C ILE A 343 4.29 -6.74 -29.09
N ALA A 344 3.52 -5.66 -29.27
CA ALA A 344 2.63 -5.54 -30.43
C ALA A 344 3.00 -4.43 -31.40
N GLU A 345 3.78 -3.45 -30.95
CA GLU A 345 4.16 -2.27 -31.74
C GLU A 345 5.64 -2.03 -31.55
N ALA A 346 6.31 -1.50 -32.57
CA ALA A 346 7.67 -1.05 -32.33
C ALA A 346 7.66 0.34 -31.70
N ALA A 347 8.70 0.63 -30.92
CA ALA A 347 8.81 1.94 -30.30
C ALA A 347 9.17 2.98 -31.36
N PRO A 348 8.74 4.23 -31.17
CA PRO A 348 9.21 5.35 -32.01
C PRO A 348 10.72 5.51 -31.91
N ASN B 11 -22.74 -12.04 -5.80
CA ASN B 11 -22.87 -11.48 -4.46
C ASN B 11 -21.59 -11.65 -3.65
N LEU B 12 -21.22 -10.63 -2.89
CA LEU B 12 -20.09 -10.72 -1.97
C LEU B 12 -20.56 -10.44 -0.54
N TYR B 13 -19.99 -11.18 0.41
CA TYR B 13 -20.38 -11.08 1.81
C TYR B 13 -19.18 -10.90 2.73
N LEU B 14 -19.41 -10.22 3.85
CA LEU B 14 -18.49 -10.26 4.97
C LEU B 14 -18.78 -11.55 5.72
N ALA B 15 -17.83 -12.49 5.71
CA ALA B 15 -18.04 -13.78 6.33
C ALA B 15 -17.59 -13.80 7.79
N GLY B 16 -16.60 -12.99 8.15
CA GLY B 16 -16.14 -12.94 9.52
C GLY B 16 -15.56 -11.58 9.81
N ILE B 17 -15.58 -11.21 11.08
CA ILE B 17 -15.00 -9.94 11.53
C ILE B 17 -14.38 -10.15 12.91
N GLY B 18 -13.26 -9.46 13.18
CA GLY B 18 -12.61 -9.61 14.48
C GLY B 18 -11.75 -8.39 14.74
N SER B 19 -11.32 -8.27 16.00
CA SER B 19 -10.55 -7.09 16.35
C SER B 19 -9.64 -7.37 17.54
N HIS B 20 -8.65 -6.48 17.70
CA HIS B 20 -7.82 -6.40 18.89
C HIS B 20 -7.98 -4.98 19.43
N LEU B 21 -8.62 -4.84 20.59
CA LEU B 21 -8.86 -3.53 21.18
C LEU B 21 -8.08 -3.41 22.48
N PRO B 22 -7.05 -2.58 22.53
CA PRO B 22 -6.25 -2.42 23.77
C PRO B 22 -7.04 -1.72 24.86
N PRO B 23 -6.52 -1.67 26.08
CA PRO B 23 -7.24 -1.00 27.18
C PRO B 23 -7.53 0.46 26.87
N LEU B 24 -8.66 0.95 27.38
CA LEU B 24 -9.10 2.31 27.14
C LEU B 24 -8.49 3.25 28.19
N PHE B 25 -7.77 4.26 27.70
CA PHE B 25 -7.06 5.23 28.53
C PHE B 25 -7.96 6.41 28.80
N PRO B 26 -8.34 6.70 30.06
CA PRO B 26 -9.32 7.76 30.31
C PRO B 26 -8.80 9.14 29.97
N ALA B 27 -9.65 9.93 29.31
CA ALA B 27 -9.26 11.29 28.97
C ALA B 27 -8.96 12.11 30.21
N GLU B 28 -9.76 11.92 31.28
CA GLU B 28 -9.45 12.46 32.60
C GLU B 28 -8.00 12.24 32.98
N ARG B 29 -7.54 10.99 32.88
CA ARG B 29 -6.18 10.62 33.25
C ARG B 29 -5.16 11.27 32.31
N ALA B 30 -5.52 11.43 31.03
CA ALA B 30 -4.65 12.13 30.10
C ALA B 30 -4.46 13.59 30.51
N VAL B 31 -5.55 14.25 30.91
CA VAL B 31 -5.46 15.62 31.39
C VAL B 31 -4.62 15.68 32.67
N ALA B 32 -4.94 14.80 33.63
CA ALA B 32 -4.23 14.77 34.90
C ALA B 32 -2.72 14.58 34.72
N GLU B 33 -2.30 13.84 33.70
CA GLU B 33 -0.88 13.59 33.48
C GLU B 33 -0.26 14.59 32.51
N GLY B 34 -1.00 15.64 32.15
CA GLY B 34 -0.47 16.66 31.28
C GLY B 34 -0.33 16.26 29.83
N LEU B 35 -0.99 15.18 29.42
CA LEU B 35 -0.93 14.71 28.04
C LEU B 35 -1.96 15.38 27.15
N TYR B 36 -3.01 15.95 27.74
CA TYR B 36 -4.19 16.41 27.03
C TYR B 36 -4.66 17.69 27.71
N ASP B 37 -4.96 18.71 26.91
CA ASP B 37 -5.44 19.95 27.48
C ASP B 37 -6.84 19.73 28.03
N GLU B 38 -7.06 20.18 29.27
CA GLU B 38 -8.35 19.97 29.89
C GLU B 38 -9.48 20.44 29.02
N GLU B 39 -9.30 21.55 28.39
CA GLU B 39 -10.49 22.19 27.91
C GLU B 39 -10.57 21.99 26.38
N ALA B 40 -9.64 21.16 25.83
CA ALA B 40 -9.85 20.39 24.59
C ALA B 40 -10.73 19.13 24.84
N ARG B 41 -10.48 18.43 25.96
CA ARG B 41 -11.33 17.33 26.40
C ARG B 41 -12.78 17.79 26.42
N GLN B 42 -13.01 18.96 27.05
CA GLN B 42 -14.26 19.71 27.15
C GLN B 42 -14.96 19.91 25.80
N SER B 43 -14.19 20.36 24.79
CA SER B 43 -14.80 20.65 23.50
C SER B 43 -14.94 19.40 22.64
N SER B 44 -14.00 18.46 22.75
CA SER B 44 -14.05 17.26 21.92
C SER B 44 -15.12 16.28 22.40
N GLY B 45 -15.36 16.23 23.71
CA GLY B 45 -16.26 15.23 24.24
C GLY B 45 -15.67 13.85 24.35
N MET B 46 -14.37 13.69 24.15
CA MET B 46 -13.72 12.39 24.28
C MET B 46 -13.74 11.92 25.74
N ARG B 47 -14.08 10.65 25.94
CA ARG B 47 -14.08 10.02 27.24
C ARG B 47 -12.86 9.12 27.47
N SER B 48 -12.35 8.51 26.40
CA SER B 48 -11.14 7.70 26.51
C SER B 48 -10.65 7.40 25.10
N ALA B 49 -9.48 6.78 25.05
CA ALA B 49 -8.90 6.34 23.79
C ALA B 49 -8.25 5.00 24.01
N ALA B 50 -8.31 4.13 23.00
CA ALA B 50 -7.65 2.84 23.09
C ALA B 50 -6.15 3.03 22.90
N VAL B 51 -5.37 2.57 23.87
CA VAL B 51 -3.92 2.78 23.88
C VAL B 51 -3.25 1.44 24.17
N SER B 52 -2.33 1.03 23.28
CA SER B 52 -1.52 -0.17 23.50
C SER B 52 -0.10 0.27 23.83
N ALA B 53 0.37 -0.10 25.01
CA ALA B 53 1.70 0.33 25.43
C ALA B 53 2.78 -0.28 24.54
N SER B 54 2.65 -1.56 24.17
CA SER B 54 3.79 -2.21 23.52
C SER B 54 3.45 -3.31 22.52
N THR B 55 2.19 -3.53 22.15
CA THR B 55 1.90 -4.60 21.19
C THR B 55 2.21 -4.12 19.77
N PRO B 56 3.09 -4.79 19.04
CA PRO B 56 3.36 -4.38 17.65
C PRO B 56 2.07 -4.36 16.84
N ALA B 57 1.94 -3.36 15.97
CA ALA B 57 0.78 -3.27 15.11
C ALA B 57 0.52 -4.54 14.32
N PRO B 58 1.53 -5.22 13.72
CA PRO B 58 1.21 -6.47 13.03
C PRO B 58 0.73 -7.55 13.98
N GLN B 59 1.12 -7.50 15.25
CA GLN B 59 0.59 -8.49 16.18
C GLN B 59 -0.88 -8.24 16.47
N MET B 60 -1.28 -6.97 16.54
CA MET B 60 -2.72 -6.68 16.70
C MET B 60 -3.48 -7.13 15.47
N ALA B 61 -2.89 -6.98 14.27
CA ALA B 61 -3.56 -7.45 13.07
C ALA B 61 -3.69 -8.97 13.07
N ILE B 62 -2.65 -9.68 13.51
CA ILE B 62 -2.70 -11.13 13.58
C ILE B 62 -3.82 -11.57 14.51
N ASP B 63 -3.94 -10.92 15.67
CA ASP B 63 -4.99 -11.28 16.62
C ASP B 63 -6.37 -11.09 16.02
N ALA B 64 -6.59 -9.97 15.33
CA ALA B 64 -7.87 -9.71 14.69
C ALA B 64 -8.15 -10.70 13.58
N ALA B 65 -7.12 -11.04 12.80
CA ALA B 65 -7.29 -11.95 11.67
C ALA B 65 -7.63 -13.35 12.13
N ARG B 66 -7.00 -13.83 13.21
CA ARG B 66 -7.32 -15.15 13.70
C ARG B 66 -8.77 -15.20 14.16
N ALA B 67 -9.22 -14.16 14.86
CA ALA B 67 -10.61 -14.10 15.31
C ALA B 67 -11.57 -14.03 14.12
N ALA B 68 -11.24 -13.23 13.09
CA ALA B 68 -12.11 -13.14 11.92
C ALA B 68 -12.16 -14.45 11.16
N LEU B 69 -11.02 -15.11 10.96
CA LEU B 69 -11.02 -16.36 10.20
C LEU B 69 -11.85 -17.43 10.87
N GLU B 70 -11.67 -17.61 12.18
CA GLU B 70 -12.31 -18.79 12.72
C GLU B 70 -13.77 -18.52 13.09
N SER B 71 -14.24 -17.27 13.07
CA SER B 71 -15.68 -17.03 13.09
C SER B 71 -16.29 -16.92 11.70
N SER B 72 -15.49 -17.09 10.65
CA SER B 72 -15.95 -16.91 9.27
C SER B 72 -16.57 -18.16 8.67
N GLY B 73 -16.28 -19.33 9.22
CA GLY B 73 -16.70 -20.55 8.54
C GLY B 73 -15.89 -20.92 7.32
N HIS B 74 -14.81 -20.20 7.02
CA HIS B 74 -13.87 -20.58 5.99
C HIS B 74 -12.58 -21.07 6.65
N ASP B 75 -11.81 -21.84 5.91
CA ASP B 75 -10.52 -22.33 6.41
C ASP B 75 -9.39 -21.66 5.62
N ALA B 76 -8.16 -21.95 6.02
CA ALA B 76 -6.99 -21.33 5.39
C ALA B 76 -6.96 -21.57 3.89
N ASP B 77 -7.46 -22.73 3.43
CA ASP B 77 -7.46 -23.04 2.01
C ASP B 77 -8.43 -22.20 1.21
N ASP B 78 -9.36 -21.50 1.86
CA ASP B 78 -10.27 -20.63 1.13
C ASP B 78 -9.69 -19.24 0.84
N ILE B 79 -8.57 -18.87 1.47
CA ILE B 79 -8.09 -17.49 1.43
C ILE B 79 -7.16 -17.33 0.24
N GLY B 80 -7.59 -16.52 -0.74
CA GLY B 80 -6.83 -16.33 -1.95
C GLY B 80 -5.82 -15.21 -1.91
N ILE B 81 -5.95 -14.30 -0.93
CA ILE B 81 -5.05 -13.16 -0.79
C ILE B 81 -5.21 -12.59 0.60
N LEU B 82 -4.12 -12.01 1.14
CA LEU B 82 -4.14 -11.24 2.37
C LEU B 82 -3.78 -9.79 2.03
N LEU B 83 -4.64 -8.85 2.43
CA LEU B 83 -4.42 -7.42 2.20
C LEU B 83 -4.34 -6.73 3.54
N HIS B 84 -3.19 -6.09 3.83
CA HIS B 84 -2.98 -5.43 5.11
C HIS B 84 -2.82 -3.93 4.90
N SER B 85 -3.58 -3.11 5.64
CA SER B 85 -3.49 -1.66 5.52
C SER B 85 -3.09 -1.04 6.86
N TYR B 86 -2.55 0.17 6.80
CA TYR B 86 -2.10 0.86 8.00
C TYR B 86 -1.81 2.31 7.64
N THR B 87 -1.53 3.11 8.67
CA THR B 87 -1.17 4.50 8.50
C THR B 87 0.17 4.86 9.12
N HIS B 88 0.71 4.02 10.00
CA HIS B 88 1.89 4.37 10.78
C HIS B 88 2.88 3.22 10.72
N HIS B 89 4.13 3.50 11.11
CA HIS B 89 5.22 2.54 10.91
C HIS B 89 4.93 1.20 11.58
N GLN B 90 5.32 0.11 10.92
CA GLN B 90 4.90 -1.25 11.29
C GLN B 90 6.00 -2.12 11.88
N GLY B 91 7.26 -1.75 11.69
CA GLY B 91 8.40 -2.55 12.06
C GLY B 91 9.62 -2.03 11.32
N PRO B 92 10.66 -2.87 11.18
CA PRO B 92 11.89 -2.43 10.50
C PRO B 92 11.64 -2.00 9.06
N ASP B 93 12.42 -1.01 8.62
CA ASP B 93 12.33 -0.57 7.24
C ASP B 93 12.79 -1.70 6.33
N GLY B 94 12.02 -1.95 5.26
CA GLY B 94 12.38 -3.03 4.35
C GLY B 94 11.92 -4.41 4.77
N TRP B 95 11.22 -4.52 5.90
CA TRP B 95 10.63 -5.77 6.35
C TRP B 95 9.15 -5.80 5.97
N SER B 96 8.62 -6.98 5.65
CA SER B 96 7.24 -7.08 5.17
C SER B 96 6.31 -7.47 6.31
N ALA B 97 5.64 -6.47 6.89
CA ALA B 97 4.64 -6.76 7.92
C ALA B 97 3.57 -7.72 7.42
N VAL B 98 3.12 -7.55 6.17
CA VAL B 98 2.03 -8.37 5.67
C VAL B 98 2.43 -9.84 5.55
N HIS B 99 3.69 -10.13 5.20
CA HIS B 99 4.10 -11.53 5.12
C HIS B 99 4.25 -12.14 6.51
N TYR B 100 4.62 -11.32 7.51
CA TYR B 100 4.58 -11.77 8.90
C TYR B 100 3.17 -12.12 9.33
N ILE B 101 2.20 -11.28 8.96
CA ILE B 101 0.80 -11.57 9.28
C ILE B 101 0.36 -12.85 8.56
N LEU B 102 0.69 -12.98 7.27
CA LEU B 102 0.36 -14.20 6.53
C LEU B 102 0.94 -15.43 7.20
N ASN B 103 2.21 -15.36 7.61
CA ASN B 103 2.89 -16.52 8.16
C ASN B 103 2.25 -16.99 9.46
N ASN B 104 1.58 -16.09 10.17
CA ASN B 104 1.01 -16.41 11.47
C ASN B 104 -0.50 -16.55 11.43
N THR B 105 -1.12 -16.56 10.24
CA THR B 105 -2.56 -16.65 10.11
C THR B 105 -2.99 -17.69 9.09
N VAL B 106 -2.53 -17.57 7.85
CA VAL B 106 -2.96 -18.46 6.77
C VAL B 106 -1.87 -19.46 6.41
N ASP B 107 -0.65 -18.99 6.21
CA ASP B 107 0.49 -19.85 5.85
C ASP B 107 0.12 -20.84 4.74
N ARG B 108 -0.37 -20.27 3.65
CA ARG B 108 -0.46 -20.88 2.34
C ARG B 108 0.32 -19.94 1.43
N PRO B 109 0.84 -20.42 0.29
CA PRO B 109 1.66 -19.55 -0.57
C PRO B 109 0.87 -18.55 -1.39
N VAL B 110 -0.16 -17.93 -0.81
CA VAL B 110 -0.96 -16.96 -1.53
C VAL B 110 -0.35 -15.56 -1.44
N PRO B 111 -0.75 -14.62 -2.31
CA PRO B 111 -0.16 -13.28 -2.27
C PRO B 111 -0.48 -12.55 -0.97
N ALA B 112 0.47 -11.69 -0.57
CA ALA B 112 0.34 -10.84 0.61
C ALA B 112 0.75 -9.43 0.19
N VAL B 113 -0.17 -8.48 0.30
CA VAL B 113 0.04 -7.13 -0.24
C VAL B 113 -0.33 -6.11 0.82
N GLU B 114 0.39 -4.99 0.83
CA GLU B 114 0.04 -3.86 1.68
C GLU B 114 -0.67 -2.78 0.87
N ILE B 115 -1.75 -2.25 1.45
CA ILE B 115 -2.60 -1.22 0.85
C ILE B 115 -2.58 -0.04 1.79
N LYS B 116 -2.41 1.18 1.28
CA LYS B 116 -2.50 2.34 2.15
C LYS B 116 -3.43 3.38 1.52
N GLN B 117 -4.40 3.84 2.28
CA GLN B 117 -5.25 4.96 1.88
C GLN B 117 -5.76 5.68 3.13
N GLY B 118 -4.83 6.03 4.02
CA GLY B 118 -5.19 6.65 5.29
C GLY B 118 -6.25 5.86 6.03
N CYS B 119 -7.24 6.55 6.56
CA CYS B 119 -8.31 5.88 7.35
C CYS B 119 -9.25 5.07 6.46
N LEU B 120 -9.10 5.17 5.14
CA LEU B 120 -9.89 4.33 4.25
C LEU B 120 -9.18 3.04 3.87
N GLY B 121 -8.08 2.69 4.55
CA GLY B 121 -7.30 1.54 4.13
C GLY B 121 -8.07 0.23 4.07
N MET B 122 -8.97 -0.01 5.02
CA MET B 122 -9.75 -1.25 4.94
C MET B 122 -10.80 -1.19 3.84
N LEU B 123 -11.43 -0.04 3.60
CA LEU B 123 -12.35 0.02 2.45
C LEU B 123 -11.61 -0.15 1.14
N ALA B 124 -10.43 0.46 1.01
CA ALA B 124 -9.65 0.25 -0.20
C ALA B 124 -9.30 -1.23 -0.38
N SER B 125 -8.88 -1.89 0.71
CA SER B 125 -8.56 -3.32 0.66
C SER B 125 -9.79 -4.14 0.30
N LEU B 126 -10.95 -3.78 0.89
CA LEU B 126 -12.19 -4.47 0.54
C LEU B 126 -12.49 -4.34 -0.95
N ASP B 127 -12.23 -3.16 -1.53
CA ASP B 127 -12.47 -2.97 -2.95
C ASP B 127 -11.53 -3.83 -3.79
N VAL B 128 -10.25 -3.93 -3.40
CA VAL B 128 -9.32 -4.77 -4.13
C VAL B 128 -9.73 -6.24 -4.05
N ALA B 129 -10.08 -6.70 -2.85
CA ALA B 129 -10.52 -8.09 -2.68
C ALA B 129 -11.79 -8.38 -3.48
N ALA B 130 -12.75 -7.46 -3.46
CA ALA B 130 -13.98 -7.66 -4.23
C ALA B 130 -13.68 -7.87 -5.71
N ALA B 131 -12.88 -6.96 -6.32
CA ALA B 131 -12.56 -7.12 -7.74
C ALA B 131 -11.83 -8.43 -8.00
N ARG B 132 -10.93 -8.82 -7.08
CA ARG B 132 -10.22 -10.08 -7.25
C ARG B 132 -11.18 -11.27 -7.17
N LEU B 133 -12.11 -11.27 -6.21
CA LEU B 133 -13.07 -12.37 -6.13
C LEU B 133 -14.00 -12.41 -7.35
N ILE B 134 -14.25 -11.26 -7.98
CA ILE B 134 -15.09 -11.22 -9.18
C ILE B 134 -14.29 -11.67 -10.42
N ALA B 135 -13.02 -11.27 -10.53
CA ALA B 135 -12.21 -11.56 -11.71
C ALA B 135 -11.45 -12.88 -11.62
N ASN B 136 -11.09 -13.35 -10.42
CA ASN B 136 -10.35 -14.60 -10.21
C ASN B 136 -11.25 -15.66 -9.58
N PRO B 137 -11.51 -16.77 -10.26
CA PRO B 137 -12.34 -17.84 -9.67
C PRO B 137 -11.61 -18.74 -8.68
N THR B 138 -10.32 -18.51 -8.41
CA THR B 138 -9.48 -19.55 -7.80
C THR B 138 -9.85 -19.82 -6.35
N HIS B 139 -10.19 -18.78 -5.58
CA HIS B 139 -10.54 -18.94 -4.17
C HIS B 139 -11.86 -18.25 -3.87
N ASP B 140 -12.56 -18.77 -2.85
CA ASP B 140 -13.84 -18.21 -2.45
C ASP B 140 -13.72 -17.00 -1.56
N ALA B 141 -12.56 -16.75 -0.95
CA ALA B 141 -12.48 -15.73 0.08
C ALA B 141 -11.18 -14.94 0.01
N ALA B 142 -11.13 -13.89 0.83
CA ALA B 142 -9.98 -13.01 0.96
C ALA B 142 -9.95 -12.49 2.39
N LEU B 143 -8.74 -12.19 2.87
CA LEU B 143 -8.54 -11.71 4.23
C LEU B 143 -7.98 -10.29 4.19
N ILE B 144 -8.64 -9.38 4.93
CA ILE B 144 -8.26 -7.97 4.99
C ILE B 144 -7.97 -7.65 6.45
N THR B 145 -6.81 -7.04 6.74
CA THR B 145 -6.42 -6.73 8.11
C THR B 145 -5.92 -5.30 8.22
N THR B 146 -5.88 -4.81 9.45
CA THR B 146 -5.21 -3.54 9.73
C THR B 146 -4.70 -3.54 11.16
N GLY B 147 -3.66 -2.74 11.40
CA GLY B 147 -3.19 -2.54 12.76
C GLY B 147 -2.30 -1.32 12.80
N ASP B 148 -2.36 -0.59 13.91
CA ASP B 148 -1.48 0.55 14.11
C ASP B 148 -1.28 0.78 15.61
N ASN B 149 -0.05 1.16 15.98
CA ASN B 149 0.30 1.51 17.35
C ASN B 149 1.05 2.84 17.35
N TYR B 150 0.45 3.86 17.93
CA TYR B 150 1.01 5.21 17.97
C TYR B 150 1.83 5.49 19.23
N SER B 151 2.14 4.47 20.02
CA SER B 151 2.97 4.63 21.21
C SER B 151 4.45 4.65 20.84
N THR B 152 4.84 5.52 19.90
CA THR B 152 6.19 5.53 19.37
C THR B 152 6.86 6.86 19.70
N PRO B 153 8.19 6.91 19.67
CA PRO B 153 8.91 8.10 20.17
C PRO B 153 8.41 9.41 19.56
N GLY B 154 8.08 10.36 20.44
CA GLY B 154 7.74 11.71 20.02
C GLY B 154 6.29 11.94 19.64
N VAL B 155 5.52 10.88 19.36
CA VAL B 155 4.10 11.06 19.05
C VAL B 155 3.37 11.46 20.33
N GLU B 156 2.65 12.58 20.29
CA GLU B 156 1.76 12.93 21.38
C GLU B 156 0.34 12.65 20.92
N ARG B 157 -0.19 11.51 21.36
CA ARG B 157 -1.41 11.02 20.74
C ARG B 157 -2.61 11.92 21.05
N TRP B 158 -2.57 12.68 22.15
CA TRP B 158 -3.71 13.53 22.48
C TRP B 158 -3.64 14.93 21.87
N ARG B 159 -2.47 15.35 21.35
CA ARG B 159 -2.30 16.70 20.83
C ARG B 159 -1.87 16.76 19.38
N ALA B 160 -1.48 15.61 18.79
CA ALA B 160 -0.92 15.62 17.44
C ALA B 160 -1.85 16.36 16.48
N SER B 161 -3.15 16.16 16.62
CA SER B 161 -4.17 16.86 15.87
C SER B 161 -5.19 17.44 16.85
N GLY B 162 -5.75 18.60 16.49
CA GLY B 162 -6.86 19.15 17.25
C GLY B 162 -8.20 18.57 16.89
N LEU B 163 -8.26 17.73 15.86
CA LEU B 163 -9.50 17.13 15.39
C LEU B 163 -9.84 15.82 16.07
N PHE B 164 -8.86 15.12 16.63
CA PHE B 164 -9.11 13.78 17.14
C PHE B 164 -7.98 13.36 18.07
N VAL B 165 -8.21 12.27 18.79
CA VAL B 165 -7.20 11.59 19.58
C VAL B 165 -6.78 10.33 18.83
N LEU B 166 -5.47 10.15 18.63
CA LEU B 166 -4.95 8.94 17.99
C LEU B 166 -5.14 7.71 18.87
N ALA B 167 -5.56 6.60 18.26
CA ALA B 167 -5.89 5.38 18.99
C ALA B 167 -5.24 4.16 18.33
N ASP B 168 -5.04 3.12 19.14
CA ASP B 168 -4.38 1.89 18.70
C ASP B 168 -5.39 0.74 18.63
N ALA B 169 -5.24 -0.12 17.62
CA ALA B 169 -6.15 -1.26 17.44
C ALA B 169 -5.70 -2.14 16.28
N GLY B 170 -6.26 -3.35 16.26
CA GLY B 170 -6.28 -4.19 15.07
C GLY B 170 -7.72 -4.54 14.71
N SER B 171 -7.96 -4.76 13.41
CA SER B 171 -9.27 -5.15 12.91
C SER B 171 -9.06 -6.02 11.67
N ALA B 172 -10.04 -6.88 11.38
CA ALA B 172 -9.92 -7.75 10.23
C ALA B 172 -11.30 -8.22 9.77
N VAL B 173 -11.42 -8.49 8.47
CA VAL B 173 -12.64 -9.07 7.92
C VAL B 173 -12.28 -10.13 6.87
N VAL B 174 -13.11 -11.16 6.79
CA VAL B 174 -13.08 -12.10 5.69
C VAL B 174 -14.19 -11.71 4.72
N LEU B 175 -13.83 -11.50 3.45
CA LEU B 175 -14.77 -11.26 2.37
C LEU B 175 -14.95 -12.56 1.61
N SER B 176 -16.19 -12.90 1.28
CA SER B 176 -16.49 -14.22 0.74
C SER B 176 -17.49 -14.10 -0.38
N ARG B 177 -17.34 -14.93 -1.42
CA ARG B 177 -18.37 -15.01 -2.45
C ARG B 177 -19.45 -16.04 -2.12
N ARG B 178 -19.31 -16.80 -1.05
CA ARG B 178 -20.22 -17.91 -0.82
C ARG B 178 -21.11 -17.77 0.42
N GLY B 179 -20.90 -16.79 1.29
CA GLY B 179 -21.89 -16.42 2.29
C GLY B 179 -21.26 -15.64 3.42
N GLY B 180 -22.11 -15.16 4.33
CA GLY B 180 -21.60 -14.49 5.52
C GLY B 180 -22.68 -13.78 6.30
N PHE B 181 -22.26 -12.96 7.28
CA PHE B 181 -23.22 -12.28 8.15
C PHE B 181 -23.76 -10.97 7.58
N ALA B 182 -23.17 -10.45 6.51
CA ALA B 182 -23.64 -9.20 5.92
C ALA B 182 -23.34 -9.24 4.42
N GLU B 183 -24.21 -8.61 3.64
CA GLU B 183 -24.02 -8.54 2.21
C GLU B 183 -23.46 -7.16 1.85
N LEU B 184 -22.41 -7.14 1.03
CA LEU B 184 -21.83 -5.90 0.52
C LEU B 184 -22.62 -5.44 -0.70
N LEU B 185 -23.36 -4.36 -0.56
CA LEU B 185 -24.24 -3.85 -1.61
C LEU B 185 -23.58 -2.81 -2.50
N ALA B 186 -22.71 -1.96 -1.93
CA ALA B 186 -22.08 -0.89 -2.68
C ALA B 186 -20.81 -0.46 -1.95
N LEU B 187 -19.84 0.03 -2.73
CA LEU B 187 -18.55 0.48 -2.22
C LEU B 187 -17.99 1.42 -3.28
N ASP B 188 -17.69 2.65 -2.89
CA ASP B 188 -17.17 3.59 -3.87
C ASP B 188 -16.41 4.70 -3.16
N SER B 189 -15.64 5.45 -3.93
CA SER B 189 -14.92 6.57 -3.34
C SER B 189 -14.68 7.62 -4.41
N LEU B 190 -14.34 8.81 -3.94
CA LEU B 190 -14.00 9.90 -4.83
C LEU B 190 -13.05 10.89 -4.15
N SER B 191 -12.09 11.37 -4.93
CA SER B 191 -11.01 12.20 -4.41
C SER B 191 -11.27 13.67 -4.70
N ASP B 192 -10.64 14.52 -3.87
CA ASP B 192 -10.37 15.91 -4.19
C ASP B 192 -8.90 16.13 -3.85
N SER B 193 -8.03 15.83 -4.83
CA SER B 193 -6.59 15.83 -4.61
C SER B 193 -6.02 17.23 -4.45
N SER B 194 -6.81 18.27 -4.71
CA SER B 194 -6.32 19.62 -4.42
C SER B 194 -6.12 19.83 -2.93
N MET B 195 -6.70 18.98 -2.09
CA MET B 195 -6.55 19.07 -0.65
C MET B 195 -5.24 18.47 -0.13
N GLU B 196 -4.43 17.84 -0.99
CA GLU B 196 -3.20 17.20 -0.52
C GLU B 196 -2.32 18.16 0.27
N ILE B 197 -2.33 19.45 -0.10
CA ILE B 197 -1.39 20.42 0.45
C ILE B 197 -1.61 20.62 1.94
N LEU B 198 -2.82 20.35 2.44
CA LEU B 198 -3.11 20.54 3.86
C LEU B 198 -2.13 19.77 4.74
N HIS B 199 -1.74 18.55 4.36
CA HIS B 199 -0.90 17.74 5.22
C HIS B 199 0.59 17.83 4.88
N ARG B 200 1.02 18.80 4.07
CA ARG B 200 2.44 19.11 3.95
C ARG B 200 2.72 20.59 4.17
N ALA B 201 1.71 21.36 4.56
CA ALA B 201 1.91 22.80 4.72
C ALA B 201 2.98 23.09 5.75
N GLY B 202 3.96 23.90 5.35
CA GLY B 202 5.09 24.23 6.20
C GLY B 202 6.18 23.18 6.25
N GLU B 203 6.02 22.05 5.55
CA GLU B 203 6.99 20.97 5.57
C GLU B 203 7.79 20.93 4.27
N GLU B 204 9.04 20.47 4.38
CA GLU B 204 9.87 20.11 3.23
C GLU B 204 9.53 18.70 2.75
N LEU B 205 9.27 18.54 1.45
CA LEU B 205 9.05 17.18 0.92
C LEU B 205 10.29 16.33 1.07
N PHE B 206 11.47 16.88 0.78
CA PHE B 206 12.66 16.06 0.69
C PHE B 206 13.81 16.63 1.50
N PRO B 207 14.54 15.77 2.24
CA PRO B 207 14.27 14.36 2.53
C PRO B 207 13.02 14.26 3.37
N PRO B 208 12.32 13.13 3.32
CA PRO B 208 11.08 13.00 4.09
C PRO B 208 11.32 13.22 5.58
N GLY B 209 10.37 13.89 6.23
CA GLY B 209 10.57 14.38 7.59
C GLY B 209 10.99 13.30 8.58
N VAL B 210 10.45 12.09 8.44
CA VAL B 210 10.74 11.06 9.44
C VAL B 210 12.24 10.75 9.46
N THR B 211 12.92 10.88 8.32
CA THR B 211 14.36 10.65 8.30
C THR B 211 15.14 11.80 8.92
N ARG B 212 14.44 12.87 9.29
CA ARG B 212 15.01 14.06 9.93
C ARG B 212 14.39 14.30 11.31
N GLY B 213 13.70 13.32 11.86
CA GLY B 213 13.12 13.43 13.19
C GLY B 213 11.84 14.24 13.30
N ARG B 214 11.15 14.49 12.19
CA ARG B 214 9.88 15.21 12.20
C ARG B 214 8.73 14.23 12.02
N GLY B 215 7.72 14.33 12.88
CA GLY B 215 6.68 13.32 12.93
C GLY B 215 5.27 13.76 12.60
N LEU B 216 4.33 13.42 13.48
CA LEU B 216 2.89 13.62 13.28
C LEU B 216 2.48 14.98 13.87
N ASN B 217 2.94 16.05 13.22
CA ASN B 217 2.69 17.41 13.71
C ASN B 217 1.50 18.04 12.97
N PHE B 218 0.35 17.35 13.05
CA PHE B 218 -0.81 17.77 12.27
C PHE B 218 -1.30 19.16 12.68
N ALA B 219 -1.36 19.43 13.98
CA ALA B 219 -1.83 20.73 14.45
C ALA B 219 -0.95 21.86 13.90
N GLU B 220 0.36 21.64 13.87
CA GLU B 220 1.28 22.64 13.30
C GLU B 220 1.02 22.87 11.82
N ARG B 221 0.82 21.80 11.05
CA ARG B 221 0.53 21.95 9.63
C ARG B 221 -0.77 22.72 9.42
N ALA B 222 -1.78 22.44 10.25
CA ALA B 222 -3.06 23.12 10.12
C ALA B 222 -2.93 24.62 10.38
N GLU B 223 -2.13 25.00 11.37
CA GLU B 223 -1.92 26.41 11.65
C GLU B 223 -1.23 27.10 10.48
N LYS B 224 -0.27 26.42 9.85
CA LYS B 224 0.36 26.99 8.65
C LYS B 224 -0.66 27.18 7.53
N VAL B 225 -1.64 26.28 7.42
CA VAL B 225 -2.69 26.46 6.42
C VAL B 225 -3.50 27.71 6.71
N ARG B 226 -3.87 27.93 7.97
CA ARG B 226 -4.61 29.12 8.35
C ARG B 226 -3.84 30.39 8.01
N GLU B 227 -2.53 30.40 8.26
CA GLU B 227 -1.71 31.57 7.97
C GLU B 227 -1.65 31.87 6.48
N GLN B 228 -1.57 30.84 5.65
CA GLN B 228 -1.29 31.01 4.23
C GLN B 228 -2.54 31.01 3.35
N TRP B 229 -3.72 30.69 3.89
CA TRP B 229 -4.90 30.53 3.04
C TRP B 229 -5.32 31.86 2.44
N ALA B 230 -5.44 31.89 1.11
CA ALA B 230 -5.84 33.08 0.35
C ALA B 230 -7.30 33.46 0.60
N ALA B 231 -7.57 34.76 0.49
CA ALA B 231 -8.89 35.34 0.74
C ALA B 231 -9.90 35.00 -0.36
N GLY B 232 -11.17 34.85 0.05
CA GLY B 232 -12.25 34.52 -0.87
C GLY B 232 -12.39 33.04 -1.13
N GLN B 233 -11.62 32.21 -0.43
CA GLN B 233 -11.48 30.80 -0.71
C GLN B 233 -12.19 30.01 0.39
N ALA B 234 -13.12 29.15 -0.02
CA ALA B 234 -13.89 28.35 0.93
C ALA B 234 -12.95 27.55 1.84
N PRO B 235 -13.30 27.39 3.12
CA PRO B 235 -12.44 26.61 4.01
C PRO B 235 -12.30 25.19 3.52
N PRO B 236 -11.24 24.48 3.90
CA PRO B 236 -11.09 23.10 3.43
C PRO B 236 -12.18 22.17 3.94
N ILE B 237 -12.75 22.45 5.12
CA ILE B 237 -13.81 21.60 5.67
C ILE B 237 -15.00 21.53 4.73
N LYS B 238 -15.29 22.61 3.98
CA LYS B 238 -16.37 22.56 3.00
C LYS B 238 -16.03 21.57 1.89
N ASN B 239 -14.82 21.65 1.35
CA ASN B 239 -14.36 20.67 0.37
C ASN B 239 -14.55 19.25 0.89
N PHE B 240 -14.16 19.01 2.15
CA PHE B 240 -14.27 17.67 2.70
C PHE B 240 -15.74 17.27 2.84
N GLY B 241 -16.56 18.14 3.43
CA GLY B 241 -17.95 17.78 3.72
C GLY B 241 -18.81 17.64 2.48
N ASP B 242 -18.55 18.46 1.46
CA ASP B 242 -19.26 18.31 0.19
C ASP B 242 -18.97 16.96 -0.45
N ARG B 243 -17.71 16.54 -0.39
CA ARG B 243 -17.32 15.28 -1.01
C ARG B 243 -17.92 14.09 -0.25
N VAL B 244 -17.98 14.19 1.08
CA VAL B 244 -18.62 13.16 1.91
C VAL B 244 -20.09 12.98 1.50
N ALA B 245 -20.80 14.08 1.29
CA ALA B 245 -22.19 14.01 0.86
C ALA B 245 -22.31 13.42 -0.53
N GLU B 246 -21.41 13.79 -1.44
CA GLU B 246 -21.44 13.24 -2.79
C GLU B 246 -21.26 11.73 -2.78
N VAL B 247 -20.25 11.25 -2.06
CA VAL B 247 -19.99 9.81 -2.17
C VAL B 247 -21.10 9.02 -1.49
N THR B 248 -21.68 9.56 -0.42
CA THR B 248 -22.73 8.85 0.29
C THR B 248 -23.98 8.73 -0.59
N GLU B 249 -24.35 9.83 -1.24
CA GLU B 249 -25.45 9.80 -2.20
C GLU B 249 -25.18 8.80 -3.31
N ARG B 250 -23.93 8.74 -3.79
CA ARG B 250 -23.60 7.81 -4.86
C ARG B 250 -23.72 6.35 -4.41
N VAL B 251 -23.22 6.02 -3.21
CA VAL B 251 -23.25 4.60 -2.81
C VAL B 251 -24.67 4.18 -2.41
N LEU B 252 -25.46 5.09 -1.83
CA LEU B 252 -26.86 4.78 -1.56
C LEU B 252 -27.61 4.49 -2.86
N LYS B 253 -27.36 5.29 -3.88
CA LYS B 253 -27.96 5.08 -5.19
C LYS B 253 -27.48 3.76 -5.78
N GLN B 254 -26.17 3.46 -5.66
CA GLN B 254 -25.66 2.20 -6.19
C GLN B 254 -26.26 1.01 -5.44
N ALA B 255 -26.50 1.17 -4.15
CA ALA B 255 -27.09 0.10 -3.36
C ALA B 255 -28.61 0.03 -3.52
N ASP B 256 -29.21 1.06 -4.11
CA ASP B 256 -30.68 1.17 -4.21
C ASP B 256 -31.33 1.13 -2.83
N VAL B 257 -30.76 1.87 -1.89
CA VAL B 257 -31.35 2.01 -0.56
C VAL B 257 -31.41 3.50 -0.24
N SER B 258 -32.40 3.87 0.56
CA SER B 258 -32.57 5.25 1.00
C SER B 258 -32.14 5.40 2.45
N TRP B 259 -31.93 6.65 2.86
CA TRP B 259 -31.57 6.95 4.25
C TRP B 259 -32.54 6.30 5.21
N ASP B 260 -33.80 6.33 4.85
CA ASP B 260 -34.93 5.71 5.50
C ASP B 260 -34.53 4.31 5.97
N GLN B 261 -33.78 3.59 5.14
CA GLN B 261 -33.38 2.21 5.42
C GLN B 261 -32.08 2.07 6.21
N ILE B 262 -31.36 3.14 6.47
CA ILE B 262 -30.07 3.05 7.14
C ILE B 262 -30.29 3.04 8.64
N ALA B 263 -29.86 1.96 9.30
CA ALA B 263 -30.04 1.82 10.74
C ALA B 263 -28.92 2.49 11.52
N LYS B 264 -27.69 2.39 11.03
CA LYS B 264 -26.54 2.91 11.76
C LYS B 264 -25.55 3.47 10.76
N VAL B 265 -24.86 4.53 11.16
CA VAL B 265 -23.78 5.11 10.38
C VAL B 265 -22.49 4.87 11.16
N CYS B 266 -21.61 4.04 10.60
CA CYS B 266 -20.32 3.76 11.21
C CYS B 266 -19.34 4.79 10.69
N HIS B 267 -18.96 5.73 11.54
CA HIS B 267 -18.15 6.89 11.18
C HIS B 267 -16.83 6.85 11.93
N VAL B 268 -15.95 7.80 11.61
CA VAL B 268 -14.65 7.85 12.27
C VAL B 268 -14.77 8.33 13.71
N GLY B 269 -13.76 8.01 14.51
CA GLY B 269 -13.73 8.43 15.90
C GLY B 269 -13.09 9.79 16.07
N PHE B 270 -13.66 10.81 15.45
CA PHE B 270 -13.17 12.18 15.60
C PHE B 270 -13.76 12.79 16.86
N GLY B 271 -13.12 13.87 17.34
CA GLY B 271 -13.78 14.72 18.31
C GLY B 271 -15.08 15.27 17.75
N ARG B 272 -15.98 15.65 18.65
CA ARG B 272 -17.34 16.01 18.23
C ARG B 272 -17.38 17.16 17.23
N PRO B 273 -16.66 18.28 17.41
CA PRO B 273 -16.76 19.36 16.40
C PRO B 273 -16.36 18.91 15.01
N ALA B 274 -15.24 18.20 14.89
CA ALA B 274 -14.80 17.73 13.58
C ALA B 274 -15.77 16.68 13.03
N LEU B 275 -16.25 15.80 13.89
CA LEU B 275 -17.22 14.80 13.46
C LEU B 275 -18.46 15.47 12.88
N GLU B 276 -18.96 16.50 13.56
CA GLU B 276 -20.16 17.18 13.08
C GLU B 276 -19.89 17.92 11.77
N ALA B 277 -18.78 18.67 11.73
CA ALA B 277 -18.50 19.51 10.56
C ALA B 277 -18.24 18.66 9.32
N MET B 278 -17.52 17.55 9.46
CA MET B 278 -17.17 16.76 8.29
C MET B 278 -18.18 15.67 7.93
N PHE B 279 -18.97 15.18 8.88
CA PHE B 279 -19.78 14.02 8.57
C PHE B 279 -21.26 14.17 8.97
N LEU B 280 -21.52 14.47 10.24
CA LEU B 280 -22.89 14.40 10.77
C LEU B 280 -23.76 15.51 10.19
N LEU B 281 -23.20 16.71 10.02
CA LEU B 281 -23.96 17.83 9.47
C LEU B 281 -24.11 17.71 7.95
N PRO B 282 -23.04 17.44 7.20
CA PRO B 282 -23.22 17.25 5.75
C PRO B 282 -24.21 16.16 5.40
N LEU B 283 -24.31 15.11 6.21
CA LEU B 283 -25.20 13.99 5.93
C LEU B 283 -26.52 14.10 6.69
N ASP B 284 -26.65 15.07 7.59
CA ASP B 284 -27.82 15.27 8.46
C ASP B 284 -28.22 13.98 9.18
N VAL B 285 -27.27 13.41 9.91
CA VAL B 285 -27.48 12.11 10.55
C VAL B 285 -28.30 12.29 11.81
N PRO B 286 -29.42 11.57 11.97
CA PRO B 286 -30.11 11.54 13.26
C PRO B 286 -29.20 10.95 14.33
N GLU B 287 -29.24 11.54 15.53
CA GLU B 287 -28.29 11.16 16.57
C GLU B 287 -28.38 9.68 16.92
N GLU B 288 -29.57 9.08 16.82
CA GLU B 288 -29.72 7.66 17.16
C GLU B 288 -29.02 6.74 16.17
N LYS B 289 -28.73 7.22 14.96
CA LYS B 289 -28.05 6.43 13.94
C LYS B 289 -26.53 6.50 14.03
N THR B 290 -25.97 7.41 14.82
CA THR B 290 -24.52 7.49 14.99
C THR B 290 -24.00 6.40 15.94
N VAL B 291 -22.68 6.30 16.02
CA VAL B 291 -22.04 5.46 17.03
C VAL B 291 -21.21 6.31 17.99
N TRP B 292 -21.65 7.56 18.21
CA TRP B 292 -20.87 8.54 18.97
C TRP B 292 -20.47 8.03 20.37
N GLU B 293 -21.41 7.45 21.12
CA GLU B 293 -21.02 7.10 22.48
C GLU B 293 -20.10 5.87 22.53
N TYR B 294 -19.94 5.14 21.43
CA TYR B 294 -18.85 4.17 21.34
C TYR B 294 -17.57 4.85 20.86
N ALA B 295 -17.67 5.64 19.78
CA ALA B 295 -16.48 6.29 19.21
C ALA B 295 -15.76 7.16 20.24
N ASN B 296 -16.52 7.84 21.11
CA ASN B 296 -15.84 8.74 22.05
C ASN B 296 -15.14 8.02 23.18
N THR B 297 -15.17 6.68 23.22
CA THR B 297 -14.35 5.92 24.14
C THR B 297 -13.14 5.29 23.47
N ILE B 298 -13.07 5.30 22.13
CA ILE B 298 -12.01 4.67 21.36
C ILE B 298 -11.05 5.69 20.77
N GLY B 299 -11.58 6.70 20.08
CA GLY B 299 -10.71 7.61 19.34
C GLY B 299 -10.52 7.21 17.89
N HIS B 300 -9.50 7.79 17.25
CA HIS B 300 -9.27 7.67 15.81
C HIS B 300 -8.11 6.68 15.58
N THR B 301 -8.45 5.44 15.24
CA THR B 301 -7.43 4.50 14.83
C THR B 301 -6.98 4.84 13.41
N GLY B 302 -5.86 4.23 13.02
CA GLY B 302 -5.34 4.42 11.67
C GLY B 302 -6.36 4.14 10.58
N ALA B 303 -6.85 2.90 10.51
CA ALA B 303 -7.77 2.52 9.45
C ALA B 303 -8.83 1.52 9.94
N ALA B 304 -9.02 1.40 11.24
CA ALA B 304 -9.94 0.42 11.77
C ALA B 304 -11.28 1.00 12.21
N ASP B 305 -11.43 2.33 12.25
CA ASP B 305 -12.61 2.93 12.87
C ASP B 305 -13.91 2.35 12.29
N LEU B 306 -14.00 2.25 10.97
CA LEU B 306 -15.27 1.90 10.35
C LEU B 306 -15.68 0.47 10.70
N PHE B 307 -14.73 -0.45 10.74
CA PHE B 307 -15.04 -1.85 11.02
C PHE B 307 -15.06 -2.17 12.52
N LEU B 308 -14.40 -1.38 13.36
CA LEU B 308 -14.67 -1.47 14.79
C LEU B 308 -16.10 -1.07 15.09
N GLY B 309 -16.60 -0.03 14.43
CA GLY B 309 -17.97 0.39 14.61
C GLY B 309 -18.96 -0.64 14.11
N LEU B 310 -18.70 -1.21 12.92
CA LEU B 310 -19.57 -2.27 12.39
C LEU B 310 -19.61 -3.47 13.34
N GLU B 311 -18.43 -3.94 13.78
CA GLU B 311 -18.43 -5.11 14.67
C GLU B 311 -19.17 -4.79 15.96
N HIS B 312 -19.02 -3.57 16.47
CA HIS B 312 -19.70 -3.18 17.71
C HIS B 312 -21.22 -3.22 17.56
N VAL B 313 -21.76 -2.54 16.54
CA VAL B 313 -23.23 -2.49 16.45
C VAL B 313 -23.78 -3.85 16.11
N TRP B 314 -23.01 -4.68 15.40
CA TRP B 314 -23.46 -6.04 15.09
C TRP B 314 -23.43 -6.94 16.31
N ARG B 315 -22.29 -6.98 17.02
CA ARG B 315 -22.18 -7.92 18.14
C ARG B 315 -23.01 -7.50 19.35
N THR B 316 -23.34 -6.22 19.51
CA THR B 316 -24.21 -5.78 20.60
C THR B 316 -25.70 -5.88 20.25
N GLY B 317 -26.02 -6.37 19.06
CA GLY B 317 -27.41 -6.51 18.65
C GLY B 317 -28.11 -5.25 18.28
N GLN B 318 -27.39 -4.13 18.07
CA GLN B 318 -28.06 -2.90 17.71
C GLN B 318 -28.56 -2.92 16.27
N VAL B 319 -28.04 -3.83 15.46
CA VAL B 319 -28.53 -4.08 14.11
C VAL B 319 -28.75 -5.58 13.96
N GLY B 320 -29.76 -5.95 13.17
CA GLY B 320 -30.07 -7.34 12.95
C GLY B 320 -30.43 -7.60 11.51
N PRO B 321 -30.76 -8.85 11.19
CA PRO B 321 -31.01 -9.22 9.78
C PRO B 321 -32.04 -8.32 9.13
N GLY B 322 -31.71 -7.83 7.93
CA GLY B 322 -32.52 -6.87 7.19
C GLY B 322 -32.09 -5.43 7.35
N ASP B 323 -31.40 -5.08 8.44
CA ASP B 323 -30.94 -3.71 8.61
C ASP B 323 -29.80 -3.38 7.65
N HIS B 324 -29.74 -2.11 7.25
CA HIS B 324 -28.66 -1.60 6.41
C HIS B 324 -27.76 -0.70 7.25
N VAL B 325 -26.46 -0.75 6.96
CA VAL B 325 -25.46 0.01 7.68
C VAL B 325 -24.61 0.74 6.65
N LEU B 326 -24.35 2.02 6.89
CA LEU B 326 -23.45 2.82 6.06
C LEU B 326 -22.11 2.95 6.77
N LEU B 327 -21.02 2.67 6.05
CA LEU B 327 -19.67 2.99 6.50
C LEU B 327 -19.20 4.21 5.71
N ILE B 328 -18.72 5.24 6.40
CA ILE B 328 -18.30 6.47 5.73
C ILE B 328 -17.02 6.98 6.39
N GLY B 329 -16.02 7.33 5.57
CA GLY B 329 -14.81 7.93 6.10
C GLY B 329 -14.24 8.91 5.11
N ALA B 330 -13.20 9.62 5.54
CA ALA B 330 -12.49 10.52 4.64
C ALA B 330 -11.03 10.53 5.06
N SER B 331 -10.15 10.26 4.10
CA SER B 331 -8.73 10.17 4.38
C SER B 331 -8.01 11.41 3.88
N THR B 332 -6.80 11.60 4.40
CA THR B 332 -5.87 12.62 3.92
C THR B 332 -5.70 12.51 2.41
N GLY B 333 -5.54 13.66 1.74
CA GLY B 333 -5.33 13.59 0.29
C GLY B 333 -6.07 14.55 -0.62
N MET B 334 -7.40 14.65 -0.55
CA MET B 334 -8.25 13.84 0.31
C MET B 334 -9.13 12.91 -0.50
N GLU B 335 -9.75 11.97 0.19
CA GLU B 335 -10.63 11.04 -0.51
C GLU B 335 -11.76 10.69 0.45
N ALA B 336 -12.99 10.63 -0.06
CA ALA B 336 -14.14 10.20 0.73
C ALA B 336 -14.56 8.84 0.22
N GLY B 337 -14.80 7.90 1.13
CA GLY B 337 -15.16 6.56 0.75
C GLY B 337 -16.34 6.10 1.58
N ALA B 338 -17.20 5.28 0.96
CA ALA B 338 -18.37 4.78 1.66
C ALA B 338 -18.69 3.37 1.20
N ALA B 339 -19.36 2.61 2.07
CA ALA B 339 -19.89 1.30 1.75
C ALA B 339 -21.27 1.16 2.38
N VAL B 340 -22.10 0.33 1.75
CA VAL B 340 -23.41 -0.03 2.30
C VAL B 340 -23.47 -1.55 2.42
N VAL B 341 -23.84 -2.03 3.60
CA VAL B 341 -24.02 -3.46 3.81
C VAL B 341 -25.43 -3.73 4.33
N ARG B 342 -25.95 -4.89 3.96
CA ARG B 342 -27.20 -5.41 4.52
C ARG B 342 -26.86 -6.55 5.46
N ILE B 343 -27.23 -6.40 6.74
CA ILE B 343 -26.99 -7.47 7.71
C ILE B 343 -27.84 -8.68 7.30
N ALA B 344 -27.21 -9.85 7.25
CA ALA B 344 -27.92 -11.07 6.89
C ALA B 344 -28.04 -12.05 8.05
N GLU B 345 -27.18 -11.97 9.05
CA GLU B 345 -27.23 -12.88 10.18
C GLU B 345 -27.05 -12.09 11.46
N ALA B 346 -27.69 -12.56 12.52
CA ALA B 346 -27.40 -11.99 13.81
C ALA B 346 -26.09 -12.57 14.35
N ALA B 347 -25.46 -11.81 15.24
CA ALA B 347 -24.25 -12.27 15.90
C ALA B 347 -24.59 -13.31 16.98
N PRO B 348 -23.71 -14.31 17.18
CA PRO B 348 -23.83 -15.19 18.34
C PRO B 348 -23.78 -14.45 19.68
#